data_9W1Q
#
_entry.id   9W1Q
#
_cell.length_a   1.00
_cell.length_b   1.00
_cell.length_c   1.00
_cell.angle_alpha   90.00
_cell.angle_beta   90.00
_cell.angle_gamma   90.00
#
_symmetry.space_group_name_H-M   'P 1'
#
_entity_poly.entity_id   1
_entity_poly.type   'polypeptide(L)'
_entity_poly.pdbx_seq_one_letter_code
;MAAQGYGYYRTVIFSAMFGGYSLYYFNRKTFSFVMPSLVEEIPLDKDDLGFITSSQSAAYAISKFVSGVLSDQMSARWLF
SSGLLLVGLVNIFFAWSSTVPVFAALWFLNGLAQGLGWPPCGKVLRKWFEPSQFGTWWAILSTSMNLAGGLGPILATILA
QSYSWRSTLALSGALCVVVSFLCLLLIHNEPADVGLRNLDPMPSEGKKGSLKEESTLQELLLSPYLWVLSTGYLVVFGVK
TCCTDWGQFFLIQEKGQSALVGSSYMSALEVGGLVGSIAAGYLSDRAMAKAGLSNYGNPRHGLLLFMMAGMTVSMYLFRV
TVTSDSPKLWILVLGAVFGFSSYGPIALFGVIANESAPPNLCGTSHAIVGLMANVGGFLAGLPFSTIAKHYSWSTAFWVA
EVICAASTAAFFLLRAEEEKRKAEEEKRKAEEEKRKADLEDNWETLNDNLKVIEKADNAAQVKDALTKMRAAALDAQKAT
PPKLEDKSPDSPEMKDFRHGFDILVGQIDDALKLANEGKVKEAQAAAEQLKTTRNAYIQKYLSNSLEVLFQ
;
_entity_poly.pdbx_strand_id   A,B
#
# COMPACT_ATOMS: atom_id res chain seq x y z
N GLY A 5 -35.10 -24.33 -11.04
CA GLY A 5 -35.72 -23.01 -10.98
C GLY A 5 -34.74 -21.87 -11.14
N TYR A 6 -35.22 -20.65 -10.92
CA TYR A 6 -34.36 -19.48 -11.03
C TYR A 6 -34.16 -18.81 -9.68
N GLY A 7 -35.26 -18.47 -9.01
CA GLY A 7 -35.18 -17.94 -7.66
C GLY A 7 -34.71 -18.95 -6.65
N TYR A 8 -34.93 -20.24 -6.94
CA TYR A 8 -34.42 -21.30 -6.08
C TYR A 8 -32.89 -21.32 -6.06
N TYR A 9 -32.27 -21.31 -7.24
CA TYR A 9 -30.81 -21.27 -7.31
C TYR A 9 -30.29 -19.93 -6.80
N ARG A 10 -31.06 -18.86 -7.00
CA ARG A 10 -30.72 -17.56 -6.45
C ARG A 10 -30.64 -17.58 -4.93
N THR A 11 -31.64 -18.17 -4.26
CA THR A 11 -31.63 -18.17 -2.80
C THR A 11 -30.67 -19.22 -2.23
N VAL A 12 -30.43 -20.32 -2.97
CA VAL A 12 -29.44 -21.29 -2.54
C VAL A 12 -28.04 -20.70 -2.57
N ILE A 13 -27.71 -20.00 -3.67
CA ILE A 13 -26.41 -19.37 -3.79
C ILE A 13 -26.26 -18.22 -2.80
N PHE A 14 -27.35 -17.48 -2.53
CA PHE A 14 -27.22 -16.38 -1.58
C PHE A 14 -27.08 -16.90 -0.15
N SER A 15 -27.79 -17.98 0.20
CA SER A 15 -27.62 -18.55 1.53
C SER A 15 -26.23 -19.16 1.69
N ALA A 16 -25.69 -19.72 0.60
CA ALA A 16 -24.34 -20.27 0.64
C ALA A 16 -23.30 -19.17 0.81
N MET A 17 -23.45 -18.06 0.10
CA MET A 17 -22.51 -16.94 0.26
C MET A 17 -22.70 -16.25 1.59
N PHE A 18 -23.93 -16.24 2.12
CA PHE A 18 -24.19 -15.66 3.44
C PHE A 18 -23.47 -16.45 4.52
N GLY A 19 -23.62 -17.77 4.51
CA GLY A 19 -22.90 -18.60 5.47
C GLY A 19 -21.41 -18.56 5.29
N GLY A 20 -20.95 -18.53 4.02
CA GLY A 20 -19.53 -18.51 3.74
C GLY A 20 -18.85 -17.23 4.19
N TYR A 21 -19.40 -16.08 3.81
CA TYR A 21 -18.79 -14.82 4.19
C TYR A 21 -19.02 -14.50 5.67
N SER A 22 -20.07 -15.08 6.26
CA SER A 22 -20.23 -15.03 7.71
C SER A 22 -19.09 -15.77 8.40
N LEU A 23 -18.71 -16.94 7.91
CA LEU A 23 -17.57 -17.65 8.50
C LEU A 23 -16.25 -16.98 8.15
N TYR A 24 -16.18 -16.28 7.01
CA TYR A 24 -15.05 -15.41 6.71
C TYR A 24 -14.84 -14.36 7.78
N TYR A 25 -15.85 -13.53 8.05
CA TYR A 25 -15.64 -12.47 9.05
C TYR A 25 -15.56 -13.04 10.46
N PHE A 26 -16.15 -14.22 10.69
CA PHE A 26 -15.94 -14.86 11.97
C PHE A 26 -14.48 -15.28 12.14
N ASN A 27 -13.81 -15.64 11.07
CA ASN A 27 -12.39 -15.95 11.18
C ASN A 27 -11.46 -14.82 10.80
N ARG A 28 -12.00 -13.67 10.40
CA ARG A 28 -11.18 -12.49 10.24
C ARG A 28 -10.85 -11.90 11.60
N LYS A 29 -11.70 -12.19 12.59
CA LYS A 29 -11.58 -11.59 13.92
C LYS A 29 -11.59 -12.65 15.02
N THR A 30 -11.28 -13.92 14.71
CA THR A 30 -11.35 -14.97 15.73
C THR A 30 -10.27 -14.81 16.79
N PHE A 31 -9.06 -14.38 16.38
CA PHE A 31 -8.01 -14.08 17.34
C PHE A 31 -8.41 -12.94 18.28
N SER A 32 -9.09 -11.93 17.74
CA SER A 32 -9.60 -10.85 18.59
C SER A 32 -10.72 -11.32 19.49
N PHE A 33 -11.43 -12.38 19.10
CA PHE A 33 -12.54 -12.89 19.89
C PHE A 33 -12.06 -13.87 20.95
N VAL A 34 -10.89 -14.48 20.74
CA VAL A 34 -10.40 -15.54 21.61
C VAL A 34 -9.20 -15.06 22.43
N MET A 35 -8.80 -13.80 22.26
CA MET A 35 -7.75 -13.10 23.01
C MET A 35 -7.63 -13.39 24.51
N PRO A 36 -8.71 -13.44 25.32
CA PRO A 36 -8.47 -13.68 26.76
C PRO A 36 -7.96 -15.08 27.09
N SER A 37 -8.49 -16.12 26.45
CA SER A 37 -7.96 -17.46 26.70
C SER A 37 -6.56 -17.63 26.12
N LEU A 38 -6.26 -16.94 25.02
CA LEU A 38 -4.94 -17.05 24.42
C LEU A 38 -3.89 -16.33 25.26
N VAL A 39 -4.22 -15.16 25.84
CA VAL A 39 -3.26 -14.51 26.70
C VAL A 39 -3.24 -15.13 28.09
N GLU A 40 -4.25 -15.93 28.45
CA GLU A 40 -4.17 -16.68 29.69
C GLU A 40 -3.27 -17.90 29.52
N GLU A 41 -3.31 -18.53 28.35
CA GLU A 41 -2.49 -19.72 28.15
C GLU A 41 -1.04 -19.38 27.89
N ILE A 42 -0.76 -18.39 27.04
CA ILE A 42 0.60 -17.91 26.81
C ILE A 42 0.64 -16.38 26.86
N PRO A 43 1.63 -15.78 27.52
CA PRO A 43 1.68 -14.31 27.59
C PRO A 43 2.13 -13.71 26.28
N LEU A 44 1.38 -12.71 25.81
CA LEU A 44 1.74 -11.95 24.61
C LEU A 44 1.68 -10.47 24.94
N ASP A 45 2.72 -9.74 24.52
CA ASP A 45 2.75 -8.29 24.70
C ASP A 45 1.72 -7.63 23.80
N LYS A 46 1.27 -6.43 24.21
CA LYS A 46 0.26 -5.72 23.43
C LYS A 46 0.82 -5.25 22.09
N ASP A 47 2.13 -5.02 22.01
CA ASP A 47 2.76 -4.74 20.73
C ASP A 47 2.69 -5.94 19.81
N ASP A 48 2.79 -7.15 20.37
CA ASP A 48 2.67 -8.37 19.55
C ASP A 48 1.25 -8.56 19.06
N LEU A 49 0.25 -8.25 19.89
CA LEU A 49 -1.15 -8.38 19.48
C LEU A 49 -1.49 -7.37 18.40
N GLY A 50 -1.04 -6.12 18.59
CA GLY A 50 -1.24 -5.11 17.57
C GLY A 50 -0.48 -5.42 16.28
N PHE A 51 0.66 -6.10 16.41
CA PHE A 51 1.39 -6.53 15.22
C PHE A 51 0.68 -7.66 14.48
N ILE A 52 0.10 -8.62 15.20
CA ILE A 52 -0.64 -9.70 14.53
C ILE A 52 -1.85 -9.15 13.81
N THR A 53 -2.59 -8.25 14.47
CA THR A 53 -3.74 -7.62 13.82
C THR A 53 -3.30 -6.71 12.68
N SER A 54 -2.13 -6.06 12.81
CA SER A 54 -1.62 -5.18 11.76
C SER A 54 -1.12 -5.97 10.56
N SER A 55 -0.57 -7.17 10.78
CA SER A 55 -0.17 -8.02 9.68
C SER A 55 -1.38 -8.54 8.93
N GLN A 56 -2.47 -8.86 9.66
CA GLN A 56 -3.71 -9.20 8.98
C GLN A 56 -4.27 -8.02 8.20
N SER A 57 -4.16 -6.80 8.77
CA SER A 57 -4.68 -5.62 8.11
C SER A 57 -3.91 -5.31 6.83
N ALA A 58 -2.58 -5.49 6.86
CA ALA A 58 -1.78 -5.26 5.66
C ALA A 58 -2.02 -6.33 4.62
N ALA A 59 -2.17 -7.59 5.04
CA ALA A 59 -2.45 -8.68 4.10
C ALA A 59 -3.83 -8.52 3.48
N TYR A 60 -4.81 -8.08 4.28
CA TYR A 60 -6.16 -7.88 3.78
C TYR A 60 -6.21 -6.67 2.85
N ALA A 61 -5.38 -5.66 3.13
CA ALA A 61 -5.27 -4.49 2.27
C ALA A 61 -4.71 -4.86 0.91
N ILE A 62 -3.68 -5.70 0.89
CA ILE A 62 -3.12 -6.16 -0.39
C ILE A 62 -4.10 -7.08 -1.09
N SER A 63 -4.74 -7.96 -0.33
CA SER A 63 -5.52 -9.03 -0.93
C SER A 63 -6.89 -8.57 -1.40
N LYS A 64 -7.39 -7.42 -0.94
CA LYS A 64 -8.53 -6.78 -1.58
C LYS A 64 -8.26 -6.53 -3.06
N PHE A 65 -7.18 -5.81 -3.35
CA PHE A 65 -6.83 -5.47 -4.73
C PHE A 65 -6.45 -6.71 -5.55
N VAL A 66 -5.63 -7.57 -4.96
CA VAL A 66 -5.18 -8.78 -5.66
C VAL A 66 -6.35 -9.71 -5.94
N SER A 67 -7.29 -9.81 -4.99
CA SER A 67 -8.44 -10.69 -5.18
C SER A 67 -9.44 -10.11 -6.17
N GLY A 68 -9.58 -8.78 -6.23
CA GLY A 68 -10.44 -8.20 -7.25
C GLY A 68 -9.91 -8.45 -8.65
N VAL A 69 -8.61 -8.21 -8.84
CA VAL A 69 -7.98 -8.39 -10.15
C VAL A 69 -8.00 -9.87 -10.54
N LEU A 70 -7.75 -10.77 -9.58
CA LEU A 70 -7.76 -12.19 -9.90
C LEU A 70 -9.18 -12.77 -9.98
N SER A 71 -10.16 -12.11 -9.39
CA SER A 71 -11.53 -12.59 -9.49
C SER A 71 -12.20 -12.10 -10.76
N ASP A 72 -11.57 -11.14 -11.44
CA ASP A 72 -12.01 -10.80 -12.78
C ASP A 72 -11.92 -12.00 -13.74
N GLN A 73 -10.75 -12.65 -13.80
CA GLN A 73 -10.56 -13.72 -14.76
C GLN A 73 -10.97 -15.09 -14.22
N MET A 74 -10.55 -15.41 -13.00
CA MET A 74 -10.82 -16.73 -12.45
C MET A 74 -12.28 -16.87 -12.05
N SER A 75 -12.72 -18.12 -11.92
CA SER A 75 -14.09 -18.40 -11.53
C SER A 75 -14.30 -18.02 -10.07
N ALA A 76 -15.50 -17.52 -9.77
CA ALA A 76 -15.78 -17.00 -8.44
C ALA A 76 -16.05 -18.10 -7.42
N ARG A 77 -16.66 -19.20 -7.86
CA ARG A 77 -16.95 -20.31 -6.97
C ARG A 77 -15.68 -20.92 -6.39
N TRP A 78 -14.75 -21.29 -7.26
CA TRP A 78 -13.51 -21.93 -6.81
C TRP A 78 -12.65 -20.97 -6.01
N LEU A 79 -12.72 -19.68 -6.33
CA LEU A 79 -11.87 -18.71 -5.64
C LEU A 79 -12.40 -18.40 -4.25
N PHE A 80 -13.72 -18.26 -4.12
CA PHE A 80 -14.39 -18.12 -2.83
C PHE A 80 -14.16 -19.35 -1.94
N SER A 81 -14.38 -20.54 -2.50
CA SER A 81 -14.28 -21.75 -1.71
C SER A 81 -12.83 -22.07 -1.36
N SER A 82 -11.89 -21.75 -2.26
CA SER A 82 -10.48 -21.97 -1.96
C SER A 82 -10.00 -20.99 -0.90
N GLY A 83 -10.50 -19.76 -0.91
CA GLY A 83 -10.15 -18.81 0.13
C GLY A 83 -10.70 -19.20 1.49
N LEU A 84 -11.93 -19.69 1.52
CA LEU A 84 -12.53 -20.13 2.78
C LEU A 84 -11.86 -21.42 3.28
N LEU A 85 -11.39 -22.26 2.36
CA LEU A 85 -10.61 -23.43 2.74
C LEU A 85 -9.26 -23.03 3.33
N LEU A 86 -8.60 -22.03 2.74
CA LEU A 86 -7.35 -21.53 3.30
C LEU A 86 -7.57 -20.87 4.65
N VAL A 87 -8.71 -20.19 4.82
CA VAL A 87 -9.11 -19.63 6.11
C VAL A 87 -9.23 -20.73 7.16
N GLY A 88 -9.90 -21.82 6.80
CA GLY A 88 -10.06 -22.92 7.75
C GLY A 88 -8.75 -23.62 8.08
N LEU A 89 -7.92 -23.85 7.07
CA LEU A 89 -6.63 -24.49 7.29
C LEU A 89 -5.69 -23.60 8.09
N VAL A 90 -5.80 -22.28 7.90
CA VAL A 90 -5.00 -21.33 8.68
C VAL A 90 -5.44 -21.33 10.14
N ASN A 91 -6.75 -21.38 10.41
CA ASN A 91 -7.19 -21.41 11.80
C ASN A 91 -6.87 -22.74 12.48
N ILE A 92 -6.87 -23.84 11.72
CA ILE A 92 -6.43 -25.10 12.29
C ILE A 92 -4.94 -25.06 12.61
N PHE A 93 -4.14 -24.49 11.70
CA PHE A 93 -2.71 -24.34 11.94
C PHE A 93 -2.44 -23.35 13.07
N PHE A 94 -3.33 -22.38 13.25
CA PHE A 94 -3.20 -21.43 14.35
C PHE A 94 -3.52 -22.10 15.67
N ALA A 95 -4.44 -23.06 15.66
CA ALA A 95 -4.72 -23.84 16.85
C ALA A 95 -3.58 -24.80 17.16
N TRP A 96 -2.87 -25.28 16.14
CA TRP A 96 -1.73 -26.16 16.41
C TRP A 96 -0.52 -25.38 16.92
N SER A 97 -0.38 -24.13 16.49
CA SER A 97 0.84 -23.37 16.79
C SER A 97 0.76 -22.69 18.14
N SER A 98 1.94 -22.38 18.70
CA SER A 98 2.04 -21.86 20.06
C SER A 98 3.09 -20.76 20.20
N THR A 99 3.33 -19.97 19.16
CA THR A 99 4.34 -18.93 19.24
C THR A 99 3.98 -17.78 18.31
N VAL A 100 4.54 -16.61 18.61
CA VAL A 100 4.09 -15.33 18.06
C VAL A 100 4.51 -15.09 16.60
N PRO A 101 5.75 -15.38 16.14
CA PRO A 101 6.00 -15.24 14.69
C PRO A 101 5.20 -16.21 13.83
N VAL A 102 4.93 -17.41 14.32
CA VAL A 102 4.10 -18.33 13.57
C VAL A 102 2.64 -17.89 13.60
N PHE A 103 2.19 -17.33 14.75
CA PHE A 103 0.88 -16.69 14.82
C PHE A 103 0.74 -15.58 13.80
N ALA A 104 1.78 -14.78 13.64
CA ALA A 104 1.72 -13.65 12.72
C ALA A 104 1.79 -14.09 11.27
N ALA A 105 2.59 -15.13 10.97
CA ALA A 105 2.68 -15.62 9.60
C ALA A 105 1.37 -16.28 9.17
N LEU A 106 0.79 -17.10 10.04
CA LEU A 106 -0.50 -17.71 9.76
C LEU A 106 -1.59 -16.66 9.66
N TRP A 107 -1.53 -15.63 10.50
CA TRP A 107 -2.58 -14.63 10.48
C TRP A 107 -2.41 -13.70 9.29
N PHE A 108 -1.19 -13.59 8.76
CA PHE A 108 -0.96 -12.95 7.48
C PHE A 108 -1.59 -13.74 6.34
N LEU A 109 -1.42 -15.07 6.37
CA LEU A 109 -2.09 -15.92 5.37
C LEU A 109 -3.61 -15.84 5.49
N ASN A 110 -4.10 -15.67 6.72
CA ASN A 110 -5.53 -15.47 6.92
C ASN A 110 -5.99 -14.14 6.34
N GLY A 111 -5.18 -13.09 6.49
CA GLY A 111 -5.53 -11.82 5.88
C GLY A 111 -5.58 -11.89 4.37
N LEU A 112 -4.66 -12.67 3.79
CA LEU A 112 -4.69 -12.90 2.34
C LEU A 112 -5.98 -13.61 1.91
N ALA A 113 -6.37 -14.66 2.63
CA ALA A 113 -7.58 -15.37 2.23
C ALA A 113 -8.87 -14.60 2.54
N GLN A 114 -8.86 -13.79 3.62
CA GLN A 114 -9.99 -12.90 3.90
C GLN A 114 -10.16 -11.86 2.81
N GLY A 115 -9.05 -11.36 2.26
CA GLY A 115 -9.17 -10.55 1.07
C GLY A 115 -9.68 -11.33 -0.12
N LEU A 116 -9.30 -12.61 -0.21
CA LEU A 116 -9.70 -13.47 -1.32
C LEU A 116 -11.18 -13.81 -1.31
N GLY A 117 -11.86 -13.59 -0.18
CA GLY A 117 -13.24 -14.04 -0.05
C GLY A 117 -14.28 -13.21 -0.79
N TRP A 118 -14.31 -11.90 -0.56
CA TRP A 118 -15.43 -11.04 -0.99
C TRP A 118 -15.61 -10.75 -2.50
N PRO A 119 -14.57 -10.47 -3.31
CA PRO A 119 -14.83 -10.19 -4.75
C PRO A 119 -15.49 -11.33 -5.53
N PRO A 120 -15.34 -12.61 -5.14
CA PRO A 120 -16.29 -13.59 -5.70
C PRO A 120 -17.74 -13.36 -5.33
N CYS A 121 -18.03 -12.92 -4.10
CA CYS A 121 -19.42 -12.60 -3.75
C CYS A 121 -19.92 -11.42 -4.58
N GLY A 122 -19.04 -10.45 -4.85
CA GLY A 122 -19.42 -9.35 -5.72
C GLY A 122 -19.71 -9.80 -7.14
N LYS A 123 -18.87 -10.68 -7.68
CA LYS A 123 -19.07 -11.18 -9.04
C LYS A 123 -20.34 -12.02 -9.13
N VAL A 124 -20.61 -12.85 -8.13
CA VAL A 124 -21.79 -13.72 -8.18
C VAL A 124 -23.07 -12.91 -7.98
N LEU A 125 -23.05 -11.89 -7.11
CA LEU A 125 -24.20 -11.00 -6.97
C LEU A 125 -24.44 -10.21 -8.24
N ARG A 126 -23.38 -9.86 -8.98
CA ARG A 126 -23.60 -9.18 -10.24
C ARG A 126 -24.17 -10.12 -11.29
N LYS A 127 -23.73 -11.38 -11.31
CA LYS A 127 -24.21 -12.31 -12.34
C LYS A 127 -25.63 -12.80 -12.07
N TRP A 128 -26.02 -12.92 -10.79
CA TRP A 128 -27.31 -13.52 -10.47
C TRP A 128 -28.42 -12.53 -10.17
N PHE A 129 -28.10 -11.36 -9.64
CA PHE A 129 -29.09 -10.37 -9.23
C PHE A 129 -29.10 -9.22 -10.23
N GLU A 130 -30.30 -8.88 -10.73
CA GLU A 130 -30.46 -7.75 -11.62
C GLU A 130 -30.25 -6.45 -10.85
N PRO A 131 -29.94 -5.34 -11.55
CA PRO A 131 -29.72 -4.07 -10.84
C PRO A 131 -30.94 -3.52 -10.08
N SER A 132 -32.14 -4.02 -10.35
CA SER A 132 -33.29 -3.67 -9.51
C SER A 132 -33.26 -4.42 -8.18
N GLN A 133 -32.43 -5.46 -8.06
CA GLN A 133 -32.26 -6.20 -6.82
C GLN A 133 -30.81 -6.43 -6.45
N PHE A 134 -29.88 -5.63 -6.96
CA PHE A 134 -28.47 -5.89 -6.67
C PHE A 134 -28.04 -5.23 -5.37
N GLY A 135 -28.53 -4.03 -5.10
CA GLY A 135 -28.05 -3.29 -3.94
C GLY A 135 -28.53 -3.85 -2.62
N THR A 136 -29.78 -4.32 -2.57
CA THR A 136 -30.30 -4.81 -1.29
C THR A 136 -29.68 -6.15 -0.91
N TRP A 137 -29.36 -6.98 -1.90
CA TRP A 137 -28.74 -8.26 -1.55
C TRP A 137 -27.24 -8.11 -1.37
N TRP A 138 -26.63 -7.11 -2.02
CA TRP A 138 -25.31 -6.63 -1.62
C TRP A 138 -25.29 -6.21 -0.15
N ALA A 139 -26.33 -5.49 0.27
CA ALA A 139 -26.40 -4.99 1.63
C ALA A 139 -26.60 -6.11 2.64
N ILE A 140 -27.45 -7.09 2.31
CA ILE A 140 -27.66 -8.21 3.22
C ILE A 140 -26.41 -9.08 3.30
N LEU A 141 -25.72 -9.29 2.18
CA LEU A 141 -24.49 -10.06 2.22
C LEU A 141 -23.35 -9.30 2.88
N SER A 142 -23.43 -7.97 2.90
CA SER A 142 -22.41 -7.20 3.62
C SER A 142 -22.75 -7.07 5.10
N THR A 143 -24.02 -7.23 5.48
CA THR A 143 -24.36 -7.29 6.90
C THR A 143 -24.31 -8.71 7.43
N SER A 144 -23.98 -9.68 6.58
CA SER A 144 -23.45 -10.95 7.08
C SER A 144 -22.20 -10.74 7.92
N MET A 145 -21.37 -9.75 7.52
CA MET A 145 -20.24 -9.33 8.34
C MET A 145 -20.69 -8.80 9.70
N ASN A 146 -21.78 -8.04 9.73
CA ASN A 146 -22.27 -7.53 11.00
C ASN A 146 -22.84 -8.64 11.87
N LEU A 147 -23.49 -9.63 11.25
CA LEU A 147 -23.98 -10.79 12.00
C LEU A 147 -22.82 -11.61 12.55
N ALA A 148 -21.74 -11.73 11.79
CA ALA A 148 -20.55 -12.46 12.26
C ALA A 148 -19.88 -11.72 13.40
N GLY A 149 -19.79 -10.39 13.30
CA GLY A 149 -19.23 -9.61 14.39
C GLY A 149 -20.12 -9.54 15.61
N GLY A 150 -21.43 -9.75 15.44
CA GLY A 150 -22.31 -9.79 16.59
C GLY A 150 -22.31 -11.13 17.28
N LEU A 151 -22.27 -12.21 16.52
CA LEU A 151 -22.21 -13.55 17.10
C LEU A 151 -20.78 -14.03 17.35
N GLY A 152 -19.79 -13.20 17.09
CA GLY A 152 -18.42 -13.53 17.38
C GLY A 152 -18.06 -13.63 18.85
N PRO A 153 -18.18 -12.53 19.61
CA PRO A 153 -17.85 -12.61 21.05
C PRO A 153 -18.80 -13.49 21.85
N ILE A 154 -20.05 -13.64 21.41
CA ILE A 154 -21.00 -14.49 22.12
C ILE A 154 -20.61 -15.95 21.98
N LEU A 155 -20.38 -16.41 20.75
CA LEU A 155 -19.94 -17.79 20.54
C LEU A 155 -18.52 -18.00 21.06
N ALA A 156 -17.70 -16.95 21.08
CA ALA A 156 -16.36 -17.06 21.66
C ALA A 156 -16.44 -17.27 23.17
N THR A 157 -17.36 -16.58 23.84
CA THR A 157 -17.56 -16.75 25.27
C THR A 157 -18.14 -18.13 25.58
N ILE A 158 -19.07 -18.59 24.74
CA ILE A 158 -19.66 -19.91 24.93
C ILE A 158 -18.62 -21.02 24.73
N LEU A 159 -17.82 -20.91 23.67
CA LEU A 159 -16.82 -21.94 23.40
C LEU A 159 -15.62 -21.84 24.34
N ALA A 160 -15.39 -20.68 24.95
CA ALA A 160 -14.37 -20.59 25.99
C ALA A 160 -14.88 -21.12 27.33
N GLN A 161 -16.18 -21.02 27.57
CA GLN A 161 -16.76 -21.62 28.76
C GLN A 161 -16.81 -23.14 28.65
N SER A 162 -17.14 -23.66 27.47
CA SER A 162 -17.30 -25.09 27.29
C SER A 162 -15.98 -25.79 26.94
N TYR A 163 -15.26 -25.27 25.95
CA TYR A 163 -14.07 -25.91 25.40
C TYR A 163 -12.86 -25.04 25.70
N SER A 164 -11.71 -25.47 25.19
CA SER A 164 -10.49 -24.67 25.22
C SER A 164 -10.47 -23.72 24.03
N TRP A 165 -9.42 -22.91 23.95
CA TRP A 165 -9.30 -22.01 22.80
C TRP A 165 -8.67 -22.73 21.61
N ARG A 166 -7.79 -23.71 21.91
CA ARG A 166 -7.23 -24.59 20.88
C ARG A 166 -8.34 -25.28 20.11
N SER A 167 -9.23 -25.96 20.83
CA SER A 167 -10.33 -26.66 20.19
C SER A 167 -11.36 -25.70 19.62
N THR A 168 -11.45 -24.47 20.15
CA THR A 168 -12.33 -23.47 19.56
C THR A 168 -11.88 -23.08 18.15
N LEU A 169 -10.59 -22.76 18.00
CA LEU A 169 -10.12 -22.42 16.66
C LEU A 169 -10.01 -23.65 15.76
N ALA A 170 -9.81 -24.83 16.35
CA ALA A 170 -9.81 -26.05 15.54
C ALA A 170 -11.20 -26.35 14.99
N LEU A 171 -12.24 -26.17 15.81
CA LEU A 171 -13.60 -26.39 15.32
C LEU A 171 -14.03 -25.28 14.37
N SER A 172 -13.54 -24.05 14.57
CA SER A 172 -13.80 -22.97 13.61
C SER A 172 -13.15 -23.27 12.26
N GLY A 173 -11.91 -23.76 12.27
CA GLY A 173 -11.26 -24.12 11.03
C GLY A 173 -11.88 -25.32 10.34
N ALA A 174 -12.32 -26.31 11.13
CA ALA A 174 -13.00 -27.47 10.56
C ALA A 174 -14.34 -27.09 9.97
N LEU A 175 -15.07 -26.19 10.64
CA LEU A 175 -16.33 -25.70 10.10
C LEU A 175 -16.12 -24.91 8.83
N CYS A 176 -15.03 -24.14 8.75
CA CYS A 176 -14.77 -23.40 7.52
C CYS A 176 -14.30 -24.31 6.40
N VAL A 177 -13.64 -25.42 6.71
CA VAL A 177 -13.32 -26.42 5.67
C VAL A 177 -14.60 -27.05 5.12
N VAL A 178 -15.49 -27.48 6.01
CA VAL A 178 -16.73 -28.15 5.59
C VAL A 178 -17.62 -27.18 4.82
N VAL A 179 -17.72 -25.94 5.29
CA VAL A 179 -18.52 -24.94 4.59
C VAL A 179 -17.81 -24.44 3.32
N SER A 180 -16.49 -24.57 3.21
CA SER A 180 -15.83 -24.27 1.94
C SER A 180 -16.18 -25.31 0.89
N PHE A 181 -16.24 -26.59 1.28
CA PHE A 181 -16.67 -27.59 0.31
C PHE A 181 -18.17 -27.48 0.01
N LEU A 182 -18.97 -27.04 0.99
CA LEU A 182 -20.38 -26.80 0.71
C LEU A 182 -20.60 -25.59 -0.19
N CYS A 183 -19.79 -24.54 -0.04
CA CYS A 183 -19.89 -23.40 -0.94
C CYS A 183 -19.28 -23.73 -2.31
N LEU A 184 -18.44 -24.74 -2.39
CA LEU A 184 -18.03 -25.24 -3.69
C LEU A 184 -19.13 -26.06 -4.35
N LEU A 185 -19.95 -26.72 -3.55
CA LEU A 185 -21.02 -27.54 -4.13
C LEU A 185 -22.26 -26.71 -4.45
N LEU A 186 -22.51 -25.63 -3.71
CA LEU A 186 -23.78 -24.93 -3.82
C LEU A 186 -23.75 -23.69 -4.70
N ILE A 187 -22.70 -22.87 -4.62
CA ILE A 187 -22.60 -21.64 -5.39
C ILE A 187 -22.43 -21.98 -6.87
N HIS A 188 -23.08 -21.21 -7.74
CA HIS A 188 -22.82 -21.26 -9.16
C HIS A 188 -22.44 -19.87 -9.62
N ASN A 189 -21.56 -19.81 -10.62
CA ASN A 189 -20.96 -18.54 -11.01
C ASN A 189 -21.95 -17.66 -11.76
N GLU A 190 -22.60 -18.21 -12.77
CA GLU A 190 -23.54 -17.49 -13.62
C GLU A 190 -24.72 -18.39 -13.92
N PRO A 191 -25.86 -17.83 -14.31
CA PRO A 191 -27.00 -18.68 -14.72
C PRO A 191 -26.76 -19.48 -15.98
N ALA A 192 -25.74 -19.15 -16.78
CA ALA A 192 -25.39 -19.96 -17.94
C ALA A 192 -24.72 -21.27 -17.55
N ASP A 193 -24.16 -21.36 -16.34
CA ASP A 193 -23.55 -22.60 -15.88
C ASP A 193 -24.57 -23.68 -15.58
N VAL A 194 -25.85 -23.33 -15.43
CA VAL A 194 -26.91 -24.31 -15.22
C VAL A 194 -27.75 -24.52 -16.46
N GLY A 195 -28.04 -23.47 -17.21
CA GLY A 195 -28.96 -23.54 -18.33
C GLY A 195 -30.03 -22.48 -18.31
N LEU A 196 -29.88 -21.46 -17.47
CA LEU A 196 -30.85 -20.38 -17.38
C LEU A 196 -30.45 -19.22 -18.28
N ARG A 197 -31.31 -18.23 -18.34
CA ARG A 197 -31.03 -17.01 -19.10
C ARG A 197 -29.99 -16.20 -18.36
N ASN A 198 -28.78 -16.12 -18.91
CA ASN A 198 -27.73 -15.31 -18.31
C ASN A 198 -28.03 -13.85 -18.57
N LEU A 199 -28.03 -13.03 -17.53
CA LEU A 199 -28.35 -11.63 -17.69
C LEU A 199 -27.10 -10.78 -17.88
N SER A 215 -15.11 -4.50 -22.77
CA SER A 215 -14.29 -3.31 -22.60
C SER A 215 -12.91 -3.67 -22.07
N THR A 216 -11.93 -2.80 -22.30
CA THR A 216 -10.57 -3.03 -21.88
C THR A 216 -10.31 -2.41 -20.51
N LEU A 217 -9.28 -2.92 -19.84
CA LEU A 217 -8.93 -2.42 -18.51
C LEU A 217 -8.34 -1.02 -18.57
N GLN A 218 -7.73 -0.66 -19.70
CA GLN A 218 -7.29 0.72 -19.89
C GLN A 218 -8.48 1.66 -20.02
N GLU A 219 -9.58 1.16 -20.61
CA GLU A 219 -10.80 1.96 -20.68
C GLU A 219 -11.43 2.11 -19.30
N LEU A 220 -11.26 1.13 -18.42
CA LEU A 220 -11.72 1.27 -17.05
C LEU A 220 -10.87 2.27 -16.28
N LEU A 221 -9.54 2.20 -16.43
CA LEU A 221 -8.67 3.10 -15.69
C LEU A 221 -8.78 4.52 -16.19
N LEU A 222 -8.99 4.71 -17.49
CA LEU A 222 -9.10 6.04 -18.06
C LEU A 222 -10.52 6.61 -17.99
N SER A 223 -11.47 5.86 -17.45
CA SER A 223 -12.81 6.37 -17.26
C SER A 223 -12.81 7.34 -16.08
N PRO A 224 -13.36 8.55 -16.24
CA PRO A 224 -13.34 9.51 -15.13
C PRO A 224 -14.34 9.18 -14.03
N TYR A 225 -15.35 8.36 -14.31
CA TYR A 225 -16.36 8.06 -13.30
C TYR A 225 -15.80 7.15 -12.22
N LEU A 226 -14.91 6.22 -12.61
CA LEU A 226 -14.21 5.39 -11.64
C LEU A 226 -13.36 6.24 -10.70
N TRP A 227 -12.68 7.26 -11.23
CA TRP A 227 -11.82 8.05 -10.36
C TRP A 227 -12.60 9.05 -9.53
N VAL A 228 -13.75 9.52 -10.00
CA VAL A 228 -14.53 10.42 -9.16
C VAL A 228 -15.25 9.63 -8.08
N LEU A 229 -15.62 8.38 -8.37
CA LEU A 229 -16.16 7.46 -7.37
C LEU A 229 -15.06 7.06 -6.39
N SER A 230 -13.84 6.94 -6.88
CA SER A 230 -12.66 6.66 -6.08
C SER A 230 -12.38 7.77 -5.06
N THR A 231 -12.41 9.02 -5.51
CA THR A 231 -12.18 10.14 -4.59
C THR A 231 -13.34 10.31 -3.61
N GLY A 232 -14.56 10.02 -4.07
CA GLY A 232 -15.69 10.03 -3.15
C GLY A 232 -15.56 8.97 -2.06
N TYR A 233 -15.10 7.78 -2.43
CA TYR A 233 -14.92 6.74 -1.44
C TYR A 233 -13.75 7.03 -0.52
N LEU A 234 -12.71 7.69 -1.06
CA LEU A 234 -11.62 8.21 -0.24
C LEU A 234 -12.15 9.14 0.85
N VAL A 235 -12.96 10.11 0.47
CA VAL A 235 -13.48 11.09 1.43
C VAL A 235 -14.42 10.44 2.44
N VAL A 236 -15.34 9.59 1.97
CA VAL A 236 -16.35 9.02 2.85
C VAL A 236 -15.75 8.00 3.81
N PHE A 237 -14.82 7.17 3.32
CA PHE A 237 -14.19 6.20 4.20
C PHE A 237 -13.21 6.89 5.14
N GLY A 238 -12.61 8.00 4.73
CA GLY A 238 -11.79 8.77 5.65
C GLY A 238 -12.60 9.40 6.77
N VAL A 239 -13.79 9.91 6.43
CA VAL A 239 -14.68 10.48 7.45
C VAL A 239 -15.20 9.40 8.38
N LYS A 240 -15.54 8.22 7.84
CA LYS A 240 -15.90 7.05 8.64
C LYS A 240 -14.79 6.67 9.60
N THR A 241 -13.57 6.55 9.09
CA THR A 241 -12.45 6.11 9.92
C THR A 241 -12.10 7.15 10.98
N CYS A 242 -12.18 8.44 10.63
CA CYS A 242 -12.01 9.53 11.60
C CYS A 242 -12.99 9.42 12.75
N CYS A 243 -14.29 9.40 12.44
CA CYS A 243 -15.27 9.44 13.52
C CYS A 243 -15.34 8.11 14.28
N THR A 244 -15.19 6.99 13.57
CA THR A 244 -15.25 5.67 14.20
C THR A 244 -14.03 5.40 15.07
N ASP A 245 -12.88 5.99 14.74
CA ASP A 245 -11.72 5.80 15.59
C ASP A 245 -11.54 6.88 16.65
N TRP A 246 -12.15 8.06 16.47
CA TRP A 246 -11.84 9.17 17.36
C TRP A 246 -13.07 9.85 17.95
N GLY A 247 -14.26 9.26 17.84
CA GLY A 247 -15.43 9.86 18.44
C GLY A 247 -15.42 9.74 19.96
N GLN A 248 -14.99 8.59 20.48
CA GLN A 248 -14.83 8.44 21.92
C GLN A 248 -13.77 9.39 22.45
N PHE A 249 -12.68 9.58 21.71
CA PHE A 249 -11.65 10.51 22.14
C PHE A 249 -12.12 11.96 22.04
N PHE A 250 -13.04 12.24 21.10
CA PHE A 250 -13.60 13.57 20.98
C PHE A 250 -14.62 13.86 22.07
N LEU A 251 -15.23 12.81 22.63
CA LEU A 251 -16.21 13.02 23.69
C LEU A 251 -15.61 12.94 25.09
N ILE A 252 -14.54 12.19 25.29
CA ILE A 252 -13.90 12.13 26.61
C ILE A 252 -13.12 13.40 26.88
N GLN A 253 -12.21 13.75 25.98
CA GLN A 253 -11.15 14.70 26.31
C GLN A 253 -11.63 16.14 26.19
N GLU A 254 -12.48 16.44 25.20
CA GLU A 254 -12.86 17.83 25.00
C GLU A 254 -14.21 18.14 25.63
N LYS A 255 -15.24 17.37 25.30
CA LYS A 255 -16.61 17.78 25.62
C LYS A 255 -17.13 17.19 26.92
N GLY A 256 -16.28 16.55 27.72
CA GLY A 256 -16.65 16.17 29.08
C GLY A 256 -17.67 15.07 29.18
N GLN A 257 -17.90 14.32 28.11
CA GLN A 257 -18.81 13.20 28.18
C GLN A 257 -18.12 12.01 28.85
N SER A 258 -18.92 11.14 29.46
CA SER A 258 -18.37 10.00 30.16
C SER A 258 -17.96 8.90 29.19
N ALA A 259 -17.31 7.87 29.72
CA ALA A 259 -16.90 6.74 28.89
C ALA A 259 -18.10 5.92 28.46
N LEU A 260 -19.15 5.93 29.28
CA LEU A 260 -20.41 5.29 28.88
C LEU A 260 -21.03 6.01 27.69
N VAL A 261 -20.91 7.33 27.64
CA VAL A 261 -21.45 8.10 26.52
C VAL A 261 -20.67 7.82 25.24
N GLY A 262 -19.35 7.71 25.34
CA GLY A 262 -18.55 7.38 24.17
C GLY A 262 -18.76 5.97 23.67
N SER A 263 -18.85 5.00 24.59
CA SER A 263 -19.10 3.62 24.20
C SER A 263 -20.49 3.45 23.61
N SER A 264 -21.48 4.12 24.20
CA SER A 264 -22.83 4.06 23.66
C SER A 264 -22.94 4.83 22.35
N TYR A 265 -22.10 5.86 22.17
CA TYR A 265 -22.02 6.56 20.89
C TYR A 265 -21.50 5.64 19.80
N MET A 266 -20.46 4.86 20.08
CA MET A 266 -19.97 3.91 19.09
C MET A 266 -20.97 2.80 18.82
N SER A 267 -21.69 2.35 19.86
CA SER A 267 -22.70 1.30 19.65
C SER A 267 -23.86 1.82 18.82
N ALA A 268 -24.30 3.05 19.08
CA ALA A 268 -25.37 3.65 18.30
C ALA A 268 -24.92 3.96 16.88
N LEU A 269 -23.64 4.30 16.70
CA LEU A 269 -23.13 4.53 15.35
C LEU A 269 -23.05 3.22 14.57
N GLU A 270 -22.74 2.11 15.24
CA GLU A 270 -22.70 0.82 14.54
C GLU A 270 -24.11 0.30 14.24
N VAL A 271 -25.07 0.55 15.13
CA VAL A 271 -26.46 0.20 14.87
C VAL A 271 -27.02 1.04 13.72
N GLY A 272 -26.73 2.34 13.75
CA GLY A 272 -27.08 3.20 12.64
C GLY A 272 -26.37 2.82 11.36
N GLY A 273 -25.18 2.23 11.45
CA GLY A 273 -24.49 1.73 10.28
C GLY A 273 -25.08 0.48 9.67
N LEU A 274 -25.54 -0.43 10.53
CA LEU A 274 -26.33 -1.57 10.09
C LEU A 274 -27.57 -1.13 9.33
N VAL A 275 -28.33 -0.21 9.94
CA VAL A 275 -29.53 0.35 9.31
C VAL A 275 -29.16 1.12 8.05
N GLY A 276 -27.98 1.75 8.05
CA GLY A 276 -27.56 2.53 6.90
C GLY A 276 -27.20 1.68 5.71
N SER A 277 -26.50 0.57 5.94
CA SER A 277 -26.18 -0.35 4.85
C SER A 277 -27.44 -0.98 4.28
N ILE A 278 -28.34 -1.47 5.15
CA ILE A 278 -29.56 -2.14 4.70
C ILE A 278 -30.47 -1.17 3.95
N ALA A 279 -30.71 0.01 4.54
CA ALA A 279 -31.58 1.00 3.93
C ALA A 279 -30.96 1.63 2.70
N ALA A 280 -29.62 1.72 2.65
CA ALA A 280 -28.96 2.23 1.46
C ALA A 280 -29.14 1.28 0.29
N GLY A 281 -28.95 -0.01 0.52
CA GLY A 281 -29.18 -1.00 -0.53
C GLY A 281 -30.62 -1.05 -0.99
N TYR A 282 -31.57 -1.03 -0.04
CA TYR A 282 -32.97 -1.16 -0.42
C TYR A 282 -33.49 0.09 -1.11
N LEU A 283 -33.19 1.28 -0.57
CA LEU A 283 -33.67 2.51 -1.19
C LEU A 283 -32.96 2.79 -2.50
N SER A 284 -31.71 2.33 -2.64
CA SER A 284 -31.02 2.43 -3.91
C SER A 284 -31.64 1.55 -4.97
N ASP A 285 -32.06 0.33 -4.59
CA ASP A 285 -32.74 -0.52 -5.56
C ASP A 285 -34.13 -0.01 -5.86
N ARG A 286 -34.79 0.65 -4.90
CA ARG A 286 -36.07 1.29 -5.19
C ARG A 286 -35.89 2.44 -6.17
N ALA A 287 -34.78 3.17 -6.04
CA ALA A 287 -34.46 4.24 -6.98
C ALA A 287 -34.11 3.70 -8.37
N MET A 288 -33.44 2.55 -8.43
CA MET A 288 -33.18 1.91 -9.71
C MET A 288 -34.47 1.39 -10.36
N ALA A 289 -35.41 0.92 -9.54
CA ALA A 289 -36.65 0.39 -10.07
C ALA A 289 -37.59 1.50 -10.54
N LYS A 290 -37.60 2.64 -9.85
CA LYS A 290 -38.49 3.73 -10.27
C LYS A 290 -37.96 4.46 -11.50
N ALA A 291 -36.67 4.31 -11.81
CA ALA A 291 -36.11 4.94 -12.99
C ALA A 291 -36.00 3.93 -14.13
N TYR A 296 -30.96 10.14 -17.08
CA TYR A 296 -30.68 11.26 -16.19
C TYR A 296 -29.70 10.85 -15.11
N GLY A 297 -28.57 10.30 -15.53
CA GLY A 297 -27.55 9.89 -14.58
C GLY A 297 -27.85 8.54 -13.96
N ASN A 298 -26.92 8.11 -13.12
CA ASN A 298 -27.07 6.86 -12.38
C ASN A 298 -28.13 7.07 -11.30
N PRO A 299 -29.18 6.24 -11.24
CA PRO A 299 -30.21 6.42 -10.21
C PRO A 299 -29.77 6.09 -8.80
N ARG A 300 -28.56 5.55 -8.60
CA ARG A 300 -28.03 5.31 -7.27
C ARG A 300 -27.30 6.51 -6.69
N HIS A 301 -27.51 7.71 -7.25
CA HIS A 301 -26.84 8.89 -6.75
C HIS A 301 -27.75 9.75 -5.89
N GLY A 302 -29.06 9.69 -6.12
CA GLY A 302 -29.98 10.54 -5.39
C GLY A 302 -30.04 10.19 -3.91
N LEU A 303 -29.78 8.94 -3.57
CA LEU A 303 -29.64 8.56 -2.18
C LEU A 303 -28.22 8.79 -1.68
N LEU A 304 -27.24 8.55 -2.55
CA LEU A 304 -25.82 8.61 -2.20
C LEU A 304 -25.41 10.02 -1.79
N LEU A 305 -25.76 11.02 -2.59
CA LEU A 305 -25.33 12.37 -2.31
C LEU A 305 -26.17 13.04 -1.23
N PHE A 306 -27.47 12.72 -1.17
CA PHE A 306 -28.30 13.18 -0.06
C PHE A 306 -27.80 12.61 1.26
N MET A 307 -27.27 11.41 1.23
CA MET A 307 -26.79 10.77 2.43
C MET A 307 -25.37 11.19 2.80
N MET A 308 -24.53 11.56 1.83
CA MET A 308 -23.30 12.27 2.17
C MET A 308 -23.58 13.66 2.75
N ALA A 309 -24.62 14.33 2.25
CA ALA A 309 -25.02 15.61 2.83
C ALA A 309 -25.55 15.43 4.25
N GLY A 310 -26.27 14.33 4.49
CA GLY A 310 -26.66 14.01 5.85
C GLY A 310 -25.49 13.70 6.75
N MET A 311 -24.43 13.11 6.17
CA MET A 311 -23.20 12.88 6.93
C MET A 311 -22.53 14.19 7.32
N THR A 312 -22.52 15.16 6.41
CA THR A 312 -21.96 16.48 6.71
C THR A 312 -22.79 17.21 7.77
N VAL A 313 -24.12 17.12 7.67
CA VAL A 313 -25.00 17.74 8.66
C VAL A 313 -24.82 17.07 10.03
N SER A 314 -24.62 15.75 10.05
CA SER A 314 -24.40 15.06 11.31
C SER A 314 -23.06 15.42 11.93
N MET A 315 -22.03 15.63 11.09
CA MET A 315 -20.74 16.06 11.62
C MET A 315 -20.80 17.48 12.16
N TYR A 316 -21.53 18.37 11.48
CA TYR A 316 -21.68 19.75 11.96
C TYR A 316 -22.45 19.79 13.27
N LEU A 317 -23.55 19.03 13.36
CA LEU A 317 -24.35 19.01 14.57
C LEU A 317 -23.62 18.30 15.71
N PHE A 318 -22.72 17.37 15.40
CA PHE A 318 -21.95 16.70 16.43
C PHE A 318 -20.77 17.53 16.90
N ARG A 319 -20.20 18.34 16.03
CA ARG A 319 -19.08 19.18 16.42
C ARG A 319 -19.56 20.42 17.17
N VAL A 320 -20.68 21.00 16.76
CA VAL A 320 -21.11 22.27 17.33
C VAL A 320 -22.01 22.08 18.54
N THR A 321 -23.11 21.34 18.37
CA THR A 321 -24.17 21.38 19.37
C THR A 321 -23.96 20.42 20.53
N VAL A 322 -23.04 19.47 20.41
CA VAL A 322 -22.72 18.59 21.52
C VAL A 322 -21.87 19.34 22.54
N THR A 323 -22.31 19.37 23.79
CA THR A 323 -21.60 20.05 24.86
C THR A 323 -21.64 19.09 26.06
N SER A 324 -21.07 19.53 27.19
CA SER A 324 -21.15 18.72 28.40
C SER A 324 -22.57 18.61 28.93
N ASP A 325 -23.41 19.60 28.63
CA ASP A 325 -24.81 19.60 29.04
C ASP A 325 -25.74 19.01 27.98
N SER A 326 -25.20 18.30 27.00
CA SER A 326 -26.04 17.76 25.95
C SER A 326 -26.77 16.50 26.45
N PRO A 327 -28.02 16.30 26.05
CA PRO A 327 -28.72 15.07 26.45
C PRO A 327 -28.13 13.86 25.77
N LYS A 328 -28.22 12.72 26.46
CA LYS A 328 -27.69 11.46 25.94
C LYS A 328 -28.48 11.00 24.72
N LEU A 329 -29.79 11.29 24.70
CA LEU A 329 -30.61 10.91 23.56
C LEU A 329 -30.19 11.65 22.29
N TRP A 330 -29.80 12.92 22.42
CA TRP A 330 -29.41 13.69 21.25
C TRP A 330 -28.07 13.23 20.70
N ILE A 331 -27.14 12.86 21.58
CA ILE A 331 -25.84 12.42 21.08
C ILE A 331 -25.95 11.01 20.50
N LEU A 332 -26.87 10.18 20.99
CA LEU A 332 -27.11 8.90 20.34
C LEU A 332 -27.82 9.07 19.01
N VAL A 333 -28.69 10.08 18.89
CA VAL A 333 -29.31 10.41 17.61
C VAL A 333 -28.26 10.85 16.60
N LEU A 334 -27.30 11.68 17.02
CA LEU A 334 -26.24 12.11 16.10
C LEU A 334 -25.33 10.95 15.72
N GLY A 335 -25.08 10.03 16.65
CA GLY A 335 -24.33 8.83 16.30
C GLY A 335 -25.05 7.95 15.30
N ALA A 336 -26.35 7.75 15.49
CA ALA A 336 -27.11 6.91 14.56
C ALA A 336 -27.30 7.59 13.21
N VAL A 337 -27.41 8.92 13.19
CA VAL A 337 -27.55 9.65 11.94
C VAL A 337 -26.23 9.64 11.17
N PHE A 338 -25.11 9.72 11.87
CA PHE A 338 -23.83 9.57 11.18
C PHE A 338 -23.62 8.14 10.70
N GLY A 339 -24.07 7.16 11.49
CA GLY A 339 -23.90 5.77 11.08
C GLY A 339 -24.76 5.41 9.88
N PHE A 340 -25.98 5.92 9.84
CA PHE A 340 -26.83 5.82 8.66
C PHE A 340 -26.22 6.51 7.45
N SER A 341 -25.44 7.56 7.66
CA SER A 341 -24.98 8.41 6.57
C SER A 341 -23.51 8.23 6.23
N SER A 342 -22.82 7.28 6.85
CA SER A 342 -21.43 7.01 6.50
C SER A 342 -21.25 5.57 6.01
N TYR A 343 -21.85 4.60 6.70
CA TYR A 343 -21.85 3.22 6.21
C TYR A 343 -22.68 3.08 4.95
N GLY A 344 -23.76 3.84 4.85
CA GLY A 344 -24.62 3.87 3.68
C GLY A 344 -23.95 4.24 2.37
N PRO A 345 -23.28 5.40 2.31
CA PRO A 345 -22.54 5.75 1.08
C PRO A 345 -21.38 4.82 0.79
N ILE A 346 -20.80 4.15 1.79
CA ILE A 346 -19.75 3.17 1.51
C ILE A 346 -20.34 1.91 0.90
N ALA A 347 -21.51 1.48 1.39
CA ALA A 347 -22.23 0.39 0.74
C ALA A 347 -22.65 0.77 -0.68
N LEU A 348 -23.04 2.02 -0.89
CA LEU A 348 -23.43 2.45 -2.23
C LEU A 348 -22.23 2.57 -3.16
N PHE A 349 -21.07 2.98 -2.62
CA PHE A 349 -19.86 3.02 -3.43
C PHE A 349 -19.43 1.62 -3.82
N GLY A 350 -19.61 0.65 -2.92
CA GLY A 350 -19.37 -0.74 -3.29
C GLY A 350 -20.33 -1.24 -4.37
N VAL A 351 -21.61 -0.88 -4.24
CA VAL A 351 -22.62 -1.29 -5.23
C VAL A 351 -22.32 -0.67 -6.60
N ILE A 352 -22.02 0.62 -6.62
CA ILE A 352 -21.78 1.34 -7.87
C ILE A 352 -20.44 0.91 -8.48
N ALA A 353 -19.44 0.62 -7.65
CA ALA A 353 -18.15 0.17 -8.15
C ALA A 353 -18.26 -1.23 -8.74
N ASN A 354 -19.06 -2.10 -8.13
CA ASN A 354 -19.31 -3.39 -8.76
C ASN A 354 -20.21 -3.27 -9.98
N GLU A 355 -21.03 -2.23 -10.05
CA GLU A 355 -22.09 -2.14 -11.03
C GLU A 355 -21.75 -1.28 -12.24
N SER A 356 -21.09 -0.14 -12.06
CA SER A 356 -20.81 0.75 -13.18
C SER A 356 -19.70 0.22 -14.08
N ALA A 357 -18.95 -0.76 -13.64
CA ALA A 357 -17.92 -1.40 -14.44
C ALA A 357 -18.52 -2.48 -15.31
N PRO A 358 -17.85 -2.85 -16.41
CA PRO A 358 -18.26 -4.03 -17.18
C PRO A 358 -18.12 -5.30 -16.35
N PRO A 359 -18.86 -6.36 -16.69
CA PRO A 359 -18.84 -7.57 -15.85
C PRO A 359 -17.51 -8.31 -15.85
N ASN A 360 -16.66 -8.10 -16.85
CA ASN A 360 -15.33 -8.70 -16.85
C ASN A 360 -14.30 -7.84 -16.13
N LEU A 361 -14.69 -6.65 -15.64
CA LEU A 361 -13.77 -5.73 -14.99
C LEU A 361 -14.36 -5.16 -13.70
N CYS A 362 -15.38 -5.80 -13.14
CA CYS A 362 -16.05 -5.24 -11.98
C CYS A 362 -15.22 -5.43 -10.72
N GLY A 363 -14.51 -6.56 -10.63
CA GLY A 363 -13.62 -6.78 -9.50
C GLY A 363 -12.45 -5.83 -9.48
N THR A 364 -11.99 -5.39 -10.66
CA THR A 364 -10.95 -4.37 -10.73
C THR A 364 -11.44 -3.04 -10.18
N SER A 365 -12.67 -2.66 -10.51
CA SER A 365 -13.23 -1.40 -10.03
C SER A 365 -13.45 -1.40 -8.53
N HIS A 366 -14.02 -2.49 -8.01
CA HIS A 366 -14.16 -2.60 -6.56
C HIS A 366 -12.81 -2.76 -5.86
N ALA A 367 -11.80 -3.29 -6.56
CA ALA A 367 -10.47 -3.40 -5.99
C ALA A 367 -9.78 -2.05 -5.88
N ILE A 368 -9.98 -1.19 -6.87
CA ILE A 368 -9.44 0.18 -6.81
C ILE A 368 -10.16 0.97 -5.71
N VAL A 369 -11.45 0.72 -5.53
CA VAL A 369 -12.18 1.35 -4.43
C VAL A 369 -11.67 0.85 -3.07
N GLY A 370 -11.32 -0.44 -2.96
CA GLY A 370 -10.71 -0.92 -1.72
C GLY A 370 -9.31 -0.38 -1.50
N LEU A 371 -8.58 -0.12 -2.58
CA LEU A 371 -7.30 0.56 -2.48
C LEU A 371 -7.47 1.96 -1.91
N MET A 372 -8.54 2.65 -2.30
CA MET A 372 -8.83 3.94 -1.69
C MET A 372 -9.36 3.82 -0.27
N ALA A 373 -9.95 2.68 0.10
CA ALA A 373 -10.22 2.41 1.52
C ALA A 373 -8.92 2.40 2.31
N ASN A 374 -7.88 1.79 1.76
CA ASN A 374 -6.60 1.74 2.47
C ASN A 374 -5.96 3.13 2.54
N VAL A 375 -6.05 3.90 1.46
CA VAL A 375 -5.50 5.26 1.46
C VAL A 375 -6.25 6.15 2.44
N GLY A 376 -7.58 6.05 2.47
CA GLY A 376 -8.36 6.85 3.41
C GLY A 376 -8.18 6.42 4.85
N GLY A 377 -7.94 5.13 5.07
CA GLY A 377 -7.66 4.66 6.42
C GLY A 377 -6.33 5.17 6.94
N PHE A 378 -5.31 5.20 6.06
CA PHE A 378 -4.05 5.82 6.45
C PHE A 378 -4.20 7.31 6.71
N LEU A 379 -4.87 8.02 5.80
CA LEU A 379 -5.02 9.46 5.91
C LEU A 379 -5.89 9.87 7.09
N ALA A 380 -6.75 8.98 7.56
CA ALA A 380 -7.65 9.27 8.67
C ALA A 380 -7.17 8.73 10.00
N GLY A 381 -6.26 7.76 10.02
CA GLY A 381 -5.81 7.28 11.31
C GLY A 381 -4.83 8.20 12.02
N LEU A 382 -3.61 8.31 11.50
CA LEU A 382 -2.54 9.03 12.16
C LEU A 382 -2.44 10.54 11.89
N PRO A 383 -2.62 11.06 10.66
CA PRO A 383 -2.63 12.53 10.50
C PRO A 383 -3.76 13.23 11.21
N PHE A 384 -4.92 12.57 11.34
CA PHE A 384 -6.02 13.14 12.10
C PHE A 384 -5.67 13.22 13.58
N SER A 385 -4.93 12.22 14.08
CA SER A 385 -4.43 12.27 15.45
C SER A 385 -3.42 13.39 15.63
N THR A 386 -2.65 13.72 14.58
CA THR A 386 -1.65 14.79 14.69
C THR A 386 -2.32 16.16 14.68
N ILE A 387 -3.31 16.36 13.80
CA ILE A 387 -4.10 17.59 13.80
C ILE A 387 -4.85 17.74 15.12
N ALA A 388 -5.29 16.61 15.69
CA ALA A 388 -5.97 16.63 16.97
C ALA A 388 -5.02 16.94 18.11
N LYS A 389 -3.77 16.50 18.00
CA LYS A 389 -2.81 16.70 19.09
C LYS A 389 -2.28 18.13 19.09
N HIS A 390 -2.05 18.71 17.92
CA HIS A 390 -1.39 20.01 17.90
C HIS A 390 -2.39 21.16 17.95
N TYR A 391 -3.53 21.05 17.27
CA TYR A 391 -4.47 22.17 17.29
C TYR A 391 -5.51 22.03 18.38
N SER A 392 -6.39 21.03 18.23
CA SER A 392 -7.53 20.73 19.10
C SER A 392 -8.22 19.52 18.48
N TRP A 393 -9.12 18.92 19.26
CA TRP A 393 -9.97 17.86 18.71
C TRP A 393 -11.06 18.46 17.82
N SER A 394 -11.64 19.58 18.24
CA SER A 394 -12.67 20.24 17.46
C SER A 394 -12.12 20.79 16.15
N THR A 395 -10.87 21.27 16.16
CA THR A 395 -10.23 21.72 14.93
C THR A 395 -9.96 20.54 13.99
N ALA A 396 -9.64 19.37 14.55
CA ALA A 396 -9.40 18.18 13.72
C ALA A 396 -10.69 17.71 13.04
N PHE A 397 -11.77 17.55 13.82
CA PHE A 397 -13.05 17.19 13.22
C PHE A 397 -13.61 18.31 12.34
N TRP A 398 -13.18 19.57 12.56
CA TRP A 398 -13.52 20.62 11.63
C TRP A 398 -12.79 20.46 10.31
N VAL A 399 -11.54 20.00 10.34
CA VAL A 399 -10.81 19.73 9.10
C VAL A 399 -11.46 18.59 8.34
N ALA A 400 -11.85 17.52 9.05
CA ALA A 400 -12.56 16.41 8.42
C ALA A 400 -13.92 16.86 7.89
N GLU A 401 -14.58 17.78 8.59
CA GLU A 401 -15.86 18.31 8.14
C GLU A 401 -15.69 19.20 6.91
N VAL A 402 -14.61 19.98 6.85
CA VAL A 402 -14.33 20.79 5.67
C VAL A 402 -14.05 19.91 4.47
N ILE A 403 -13.30 18.83 4.65
CA ILE A 403 -13.05 17.89 3.56
C ILE A 403 -14.35 17.23 3.10
N CYS A 404 -15.19 16.81 4.06
CA CYS A 404 -16.45 16.18 3.72
C CYS A 404 -17.43 17.14 3.04
N ALA A 405 -17.54 18.36 3.56
CA ALA A 405 -18.48 19.33 3.01
C ALA A 405 -18.02 19.84 1.65
N ALA A 406 -16.72 20.07 1.48
CA ALA A 406 -16.19 20.48 0.20
C ALA A 406 -16.36 19.40 -0.85
N SER A 407 -16.10 18.13 -0.48
CA SER A 407 -16.27 17.03 -1.41
C SER A 407 -17.74 16.82 -1.75
N THR A 408 -18.63 16.88 -0.76
CA THR A 408 -20.05 16.67 -0.99
C THR A 408 -20.66 17.79 -1.83
N ALA A 409 -20.28 19.04 -1.58
CA ALA A 409 -20.74 20.15 -2.42
C ALA A 409 -20.15 20.04 -3.81
N ALA A 410 -18.93 19.51 -3.93
CA ALA A 410 -18.36 19.28 -5.26
C ALA A 410 -19.13 18.21 -6.02
N PHE A 411 -19.63 17.20 -5.32
CA PHE A 411 -20.40 16.17 -6.00
C PHE A 411 -21.80 16.66 -6.37
N PHE A 412 -22.40 17.52 -5.53
CA PHE A 412 -23.66 18.15 -5.93
C PHE A 412 -23.46 19.03 -7.16
N LEU A 413 -22.33 19.75 -7.22
CA LEU A 413 -22.03 20.53 -8.42
C LEU A 413 -21.76 19.63 -9.63
N LEU A 414 -21.18 18.45 -9.40
CA LEU A 414 -20.93 17.53 -10.51
C LEU A 414 -22.23 16.94 -11.06
N ARG A 415 -23.16 16.55 -10.18
CA ARG A 415 -24.42 16.01 -10.71
C ARG A 415 -25.28 17.12 -11.31
N ALA A 416 -25.17 18.35 -10.80
CA ALA A 416 -25.89 19.46 -11.43
C ALA A 416 -25.29 19.80 -12.79
N GLU A 417 -23.97 19.71 -12.91
CA GLU A 417 -23.32 19.96 -14.20
C GLU A 417 -23.64 18.85 -15.19
N GLU A 418 -23.74 17.60 -14.72
CA GLU A 418 -24.11 16.51 -15.61
C GLU A 418 -25.57 16.62 -16.04
N GLU A 419 -26.46 17.10 -15.16
CA GLU A 419 -27.83 17.34 -15.57
C GLU A 419 -27.92 18.48 -16.58
N LYS A 420 -27.06 19.49 -16.43
CA LYS A 420 -27.02 20.55 -17.44
C LYS A 420 -26.48 20.04 -18.78
N ARG A 421 -25.49 19.14 -18.74
CA ARG A 421 -24.97 18.55 -19.98
C ARG A 421 -26.03 17.69 -20.66
N LYS A 422 -26.79 16.91 -19.88
CA LYS A 422 -27.81 16.04 -20.46
C LYS A 422 -29.01 16.85 -20.93
N ALA A 423 -29.19 18.05 -20.37
CA ALA A 423 -30.18 18.97 -20.94
C ALA A 423 -29.67 19.59 -22.24
N GLU A 424 -28.35 19.83 -22.32
CA GLU A 424 -27.78 20.37 -23.56
C GLU A 424 -27.74 19.32 -24.66
N GLU A 425 -27.76 18.03 -24.30
CA GLU A 425 -27.83 16.98 -25.31
C GLU A 425 -29.19 16.98 -26.00
N GLU A 426 -30.27 17.04 -25.22
CA GLU A 426 -31.61 17.13 -25.77
C GLU A 426 -32.22 18.50 -25.50
N GLY B 5 24.33 17.35 -32.40
CA GLY B 5 25.00 16.07 -32.25
C GLY B 5 24.16 15.01 -31.59
N TYR B 6 24.77 13.87 -31.27
CA TYR B 6 24.04 12.79 -30.62
C TYR B 6 24.53 12.58 -29.20
N GLY B 7 25.84 12.36 -29.03
CA GLY B 7 26.42 12.26 -27.71
C GLY B 7 26.39 13.56 -26.95
N TYR B 8 26.35 14.69 -27.67
CA TYR B 8 26.21 15.99 -27.03
C TYR B 8 24.87 16.12 -26.33
N TYR B 9 23.78 15.81 -27.03
CA TYR B 9 22.46 15.85 -26.40
C TYR B 9 22.32 14.77 -25.35
N ARG B 10 23.00 13.63 -25.56
CA ARG B 10 23.05 12.57 -24.55
C ARG B 10 23.66 13.05 -23.23
N THR B 11 24.80 13.75 -23.31
CA THR B 11 25.46 14.17 -22.08
C THR B 11 24.80 15.41 -21.48
N VAL B 12 24.16 16.26 -22.31
CA VAL B 12 23.41 17.39 -21.77
C VAL B 12 22.19 16.91 -21.00
N ILE B 13 21.45 15.95 -21.56
CA ILE B 13 20.29 15.40 -20.89
C ILE B 13 20.70 14.60 -19.65
N PHE B 14 21.84 13.91 -19.70
CA PHE B 14 22.23 13.16 -18.51
C PHE B 14 22.73 14.08 -17.40
N SER B 15 23.44 15.17 -17.75
CA SER B 15 23.85 16.12 -16.73
C SER B 15 22.64 16.84 -16.14
N ALA B 16 21.63 17.09 -16.96
CA ALA B 16 20.41 17.72 -16.49
C ALA B 16 19.64 16.80 -15.54
N MET B 17 19.53 15.52 -15.88
CA MET B 17 18.86 14.57 -15.00
C MET B 17 19.69 14.30 -13.75
N PHE B 18 21.02 14.36 -13.87
CA PHE B 18 21.88 14.18 -12.71
C PHE B 18 21.69 15.29 -11.70
N GLY B 19 21.72 16.55 -12.18
CA GLY B 19 21.45 17.67 -11.29
C GLY B 19 20.04 17.68 -10.75
N GLY B 20 19.07 17.31 -11.59
CA GLY B 20 17.69 17.32 -11.17
C GLY B 20 17.38 16.28 -10.11
N TYR B 21 17.77 15.03 -10.35
CA TYR B 21 17.50 13.98 -9.36
C TYR B 21 18.40 14.12 -8.14
N SER B 22 19.56 14.76 -8.29
CA SER B 22 20.36 15.13 -7.13
C SER B 22 19.61 16.12 -6.24
N LEU B 23 18.97 17.12 -6.85
CA LEU B 23 18.17 18.04 -6.03
C LEU B 23 16.89 17.39 -5.53
N TYR B 24 16.37 16.40 -6.25
CA TYR B 24 15.29 15.57 -5.73
C TYR B 24 15.66 14.89 -4.43
N TYR B 25 16.75 14.11 -4.41
CA TYR B 25 17.08 13.43 -3.16
C TYR B 25 17.63 14.38 -2.11
N PHE B 26 18.16 15.53 -2.53
CA PHE B 26 18.51 16.55 -1.55
C PHE B 26 17.27 17.09 -0.86
N ASN B 27 16.15 17.16 -1.57
CA ASN B 27 14.92 17.60 -0.93
C ASN B 27 14.00 16.48 -0.49
N ARG B 28 14.38 15.23 -0.73
CA ARG B 28 13.67 14.11 -0.13
C ARG B 28 14.04 13.98 1.33
N LYS B 29 15.23 14.47 1.70
CA LYS B 29 15.77 14.32 3.04
C LYS B 29 16.20 15.65 3.65
N THR B 30 15.69 16.79 3.15
CA THR B 30 16.14 18.08 3.66
C THR B 30 15.68 18.32 5.09
N PHE B 31 14.46 17.90 5.42
CA PHE B 31 13.98 17.96 6.80
C PHE B 31 14.83 17.12 7.75
N SER B 32 15.28 15.95 7.28
CA SER B 32 16.18 15.13 8.08
C SER B 32 17.57 15.77 8.19
N PHE B 33 17.93 16.61 7.22
CA PHE B 33 19.24 17.25 7.24
C PHE B 33 19.24 18.54 8.05
N VAL B 34 18.06 19.14 8.22
CA VAL B 34 17.93 20.44 8.87
C VAL B 34 17.28 20.31 10.25
N MET B 35 16.93 19.09 10.64
CA MET B 35 16.39 18.72 11.97
C MET B 35 16.95 19.45 13.20
N PRO B 36 18.28 19.67 13.38
CA PRO B 36 18.71 20.35 14.61
C PRO B 36 18.29 21.80 14.72
N SER B 37 18.40 22.57 13.63
CA SER B 37 17.94 23.96 13.67
C SER B 37 16.43 24.04 13.78
N LEU B 38 15.71 23.08 13.20
CA LEU B 38 14.25 23.11 13.27
C LEU B 38 13.76 22.75 14.67
N VAL B 39 14.40 21.78 15.33
CA VAL B 39 13.98 21.48 16.69
C VAL B 39 14.56 22.49 17.68
N GLU B 40 15.56 23.27 17.29
CA GLU B 40 16.00 24.36 18.15
C GLU B 40 15.04 25.54 18.06
N GLU B 41 14.48 25.80 16.87
CA GLU B 41 13.59 26.93 16.72
C GLU B 41 12.19 26.63 17.27
N ILE B 42 11.64 25.46 16.97
CA ILE B 42 10.37 25.03 17.54
C ILE B 42 10.46 23.59 18.05
N PRO B 43 9.93 23.29 19.23
CA PRO B 43 10.03 21.92 19.76
C PRO B 43 9.07 20.98 19.03
N LEU B 44 9.60 19.84 18.60
CA LEU B 44 8.80 18.79 17.98
C LEU B 44 9.10 17.47 18.67
N ASP B 45 8.05 16.72 19.00
CA ASP B 45 8.20 15.41 19.60
C ASP B 45 8.77 14.44 18.56
N LYS B 46 9.44 13.39 19.05
CA LYS B 46 10.03 12.40 18.15
C LYS B 46 8.96 11.60 17.42
N ASP B 47 7.78 11.44 18.03
CA ASP B 47 6.65 10.84 17.32
C ASP B 47 6.21 11.72 16.15
N ASP B 48 6.29 13.05 16.31
CA ASP B 48 5.94 13.94 15.22
C ASP B 48 6.95 13.88 14.09
N LEU B 49 8.24 13.77 14.43
CA LEU B 49 9.29 13.66 13.41
C LEU B 49 9.16 12.35 12.64
N GLY B 50 8.94 11.25 13.37
CA GLY B 50 8.72 9.97 12.73
C GLY B 50 7.46 9.94 11.91
N PHE B 51 6.45 10.71 12.32
CA PHE B 51 5.22 10.83 11.54
C PHE B 51 5.43 11.64 10.25
N ILE B 52 6.21 12.71 10.30
CA ILE B 52 6.48 13.50 9.10
C ILE B 52 7.27 12.67 8.09
N THR B 53 8.29 11.95 8.57
CA THR B 53 9.07 11.08 7.70
C THR B 53 8.22 9.89 7.21
N SER B 54 7.29 9.41 8.05
CA SER B 54 6.43 8.30 7.65
C SER B 54 5.38 8.73 6.64
N SER B 55 4.90 9.97 6.73
CA SER B 55 3.98 10.49 5.73
C SER B 55 4.68 10.67 4.39
N GLN B 56 5.95 11.11 4.43
CA GLN B 56 6.71 11.15 3.18
C GLN B 56 6.94 9.75 2.63
N SER B 57 7.19 8.78 3.51
CA SER B 57 7.44 7.40 3.06
C SER B 57 6.20 6.79 2.43
N ALA B 58 5.02 7.06 3.01
CA ALA B 58 3.78 6.56 2.44
C ALA B 58 3.45 7.25 1.13
N ALA B 59 3.68 8.56 1.05
CA ALA B 59 3.42 9.29 -0.18
C ALA B 59 4.37 8.87 -1.29
N TYR B 60 5.62 8.61 -0.94
CA TYR B 60 6.62 8.17 -1.91
C TYR B 60 6.33 6.74 -2.35
N ALA B 61 5.81 5.92 -1.44
CA ALA B 61 5.40 4.56 -1.77
C ALA B 61 4.24 4.55 -2.77
N ILE B 62 3.26 5.42 -2.56
CA ILE B 62 2.15 5.52 -3.50
C ILE B 62 2.63 6.12 -4.82
N SER B 63 3.48 7.13 -4.74
CA SER B 63 3.83 7.92 -5.91
C SER B 63 4.86 7.24 -6.80
N LYS B 64 5.61 6.25 -6.30
CA LYS B 64 6.37 5.36 -7.17
C LYS B 64 5.47 4.71 -8.22
N PHE B 65 4.43 4.02 -7.76
CA PHE B 65 3.52 3.31 -8.65
C PHE B 65 2.73 4.27 -9.52
N VAL B 66 2.19 5.34 -8.91
CA VAL B 66 1.39 6.31 -9.66
C VAL B 66 2.24 7.02 -10.70
N SER B 67 3.49 7.33 -10.37
CA SER B 67 4.35 8.03 -11.31
C SER B 67 4.84 7.11 -12.42
N GLY B 68 5.04 5.82 -12.14
CA GLY B 68 5.37 4.91 -13.22
C GLY B 68 4.25 4.76 -14.23
N VAL B 69 3.02 4.57 -13.72
CA VAL B 69 1.86 4.41 -14.59
C VAL B 69 1.58 5.70 -15.36
N LEU B 70 1.74 6.85 -14.71
CA LEU B 70 1.50 8.11 -15.40
C LEU B 70 2.67 8.54 -16.28
N SER B 71 3.87 8.02 -16.04
CA SER B 71 5.00 8.34 -16.89
C SER B 71 5.05 7.46 -18.11
N ASP B 72 4.26 6.39 -18.12
CA ASP B 72 4.06 5.63 -19.35
C ASP B 72 3.45 6.49 -20.46
N GLN B 73 2.34 7.17 -20.17
CA GLN B 73 1.64 7.93 -21.22
C GLN B 73 2.16 9.36 -21.36
N MET B 74 2.32 10.05 -20.23
CA MET B 74 2.71 11.46 -20.28
C MET B 74 4.17 11.60 -20.65
N SER B 75 4.54 12.81 -21.10
CA SER B 75 5.91 13.08 -21.48
C SER B 75 6.79 13.13 -20.25
N ALA B 76 8.03 12.66 -20.39
CA ALA B 76 8.92 12.54 -19.25
C ALA B 76 9.54 13.87 -18.84
N ARG B 77 9.80 14.75 -19.82
CA ARG B 77 10.39 16.05 -19.53
C ARG B 77 9.47 16.90 -18.65
N TRP B 78 8.22 17.06 -19.07
CA TRP B 78 7.28 17.89 -18.31
C TRP B 78 6.95 17.27 -16.96
N LEU B 79 6.97 15.94 -16.88
CA LEU B 79 6.59 15.29 -15.63
C LEU B 79 7.72 15.37 -14.61
N PHE B 80 8.97 15.16 -15.06
CA PHE B 80 10.16 15.37 -14.23
C PHE B 80 10.26 16.81 -13.75
N SER B 81 10.12 17.77 -14.67
CA SER B 81 10.30 19.17 -14.32
C SER B 81 9.14 19.68 -13.46
N SER B 82 7.93 19.17 -13.69
CA SER B 82 6.80 19.57 -12.86
C SER B 82 6.93 19.00 -11.46
N GLY B 83 7.46 17.78 -11.34
CA GLY B 83 7.69 17.22 -10.03
C GLY B 83 8.76 17.95 -9.25
N LEU B 84 9.84 18.33 -9.93
CA LEU B 84 10.90 19.09 -9.27
C LEU B 84 10.45 20.50 -8.93
N LEU B 85 9.55 21.06 -9.74
CA LEU B 85 8.95 22.36 -9.41
C LEU B 85 8.05 22.25 -8.18
N LEU B 86 7.27 21.17 -8.08
CA LEU B 86 6.45 20.96 -6.90
C LEU B 86 7.30 20.70 -5.66
N VAL B 87 8.44 20.01 -5.84
CA VAL B 87 9.43 19.84 -4.77
C VAL B 87 9.93 21.19 -4.27
N GLY B 88 10.29 22.08 -5.20
CA GLY B 88 10.77 23.40 -4.80
C GLY B 88 9.72 24.25 -4.14
N LEU B 89 8.49 24.23 -4.68
CA LEU B 89 7.40 25.01 -4.08
C LEU B 89 7.00 24.44 -2.72
N VAL B 90 7.11 23.13 -2.54
CA VAL B 90 6.84 22.52 -1.25
C VAL B 90 7.88 22.92 -0.23
N ASN B 91 9.17 22.94 -0.61
CA ASN B 91 10.18 23.35 0.37
C ASN B 91 10.12 24.84 0.67
N ILE B 92 9.69 25.66 -0.29
CA ILE B 92 9.46 27.08 0.01
C ILE B 92 8.29 27.24 0.98
N PHE B 93 7.20 26.48 0.74
CA PHE B 93 6.05 26.51 1.64
C PHE B 93 6.40 25.93 3.00
N PHE B 94 7.35 25.00 3.05
CA PHE B 94 7.81 24.42 4.30
C PHE B 94 8.63 25.43 5.07
N ALA B 95 9.38 26.27 4.35
CA ALA B 95 10.11 27.35 5.00
C ALA B 95 9.18 28.44 5.50
N TRP B 96 8.04 28.64 4.82
CA TRP B 96 7.09 29.64 5.31
C TRP B 96 6.31 29.13 6.51
N SER B 97 6.08 27.83 6.59
CA SER B 97 5.19 27.28 7.62
C SER B 97 5.92 27.03 8.93
N SER B 98 5.16 26.98 10.02
CA SER B 98 5.73 26.90 11.36
C SER B 98 4.93 25.98 12.29
N THR B 99 4.31 24.94 11.75
CA THR B 99 3.53 24.03 12.60
C THR B 99 3.51 22.64 11.98
N VAL B 100 3.23 21.66 12.83
CA VAL B 100 3.47 20.24 12.54
C VAL B 100 2.46 19.61 11.58
N PRO B 101 1.12 19.85 11.67
CA PRO B 101 0.25 19.29 10.61
C PRO B 101 0.50 19.90 9.24
N VAL B 102 0.88 21.17 9.17
CA VAL B 102 1.20 21.77 7.88
C VAL B 102 2.55 21.26 7.38
N PHE B 103 3.50 21.03 8.30
CA PHE B 103 4.76 20.34 7.97
C PHE B 103 4.49 18.98 7.36
N ALA B 104 3.56 18.24 7.95
CA ALA B 104 3.28 16.89 7.47
C ALA B 104 2.52 16.89 6.16
N ALA B 105 1.59 17.83 5.97
CA ALA B 105 0.86 17.91 4.71
C ALA B 105 1.76 18.32 3.56
N LEU B 106 2.62 19.31 3.79
CA LEU B 106 3.59 19.71 2.78
C LEU B 106 4.59 18.61 2.51
N TRP B 107 5.00 17.88 3.56
CA TRP B 107 5.99 16.84 3.35
C TRP B 107 5.38 15.61 2.70
N PHE B 108 4.05 15.45 2.85
CA PHE B 108 3.30 14.47 2.06
C PHE B 108 3.30 14.85 0.58
N LEU B 109 3.07 16.13 0.29
CA LEU B 109 3.13 16.60 -1.10
C LEU B 109 4.54 16.45 -1.67
N ASN B 110 5.56 16.60 -0.81
CA ASN B 110 6.94 16.38 -1.22
C ASN B 110 7.17 14.91 -1.53
N GLY B 111 6.61 14.02 -0.73
CA GLY B 111 6.73 12.60 -1.02
C GLY B 111 6.08 12.21 -2.33
N LEU B 112 4.94 12.85 -2.64
CA LEU B 112 4.28 12.65 -3.94
C LEU B 112 5.19 13.09 -5.09
N ALA B 113 5.78 14.27 -4.98
CA ALA B 113 6.62 14.75 -6.07
C ALA B 113 7.96 14.00 -6.17
N GLN B 114 8.50 13.55 -5.03
CA GLN B 114 9.70 12.72 -5.04
C GLN B 114 9.43 11.39 -5.73
N GLY B 115 8.24 10.83 -5.53
CA GLY B 115 7.86 9.69 -6.35
C GLY B 115 7.71 10.05 -7.81
N LEU B 116 7.24 11.27 -8.09
CA LEU B 116 7.02 11.73 -9.46
C LEU B 116 8.32 11.95 -10.23
N GLY B 117 9.45 12.03 -9.52
CA GLY B 117 10.70 12.39 -10.17
C GLY B 117 11.36 11.31 -11.02
N TRP B 118 11.57 10.12 -10.45
CA TRP B 118 12.43 9.10 -11.07
C TRP B 118 11.94 8.37 -12.33
N PRO B 119 10.67 7.93 -12.47
CA PRO B 119 10.26 7.21 -13.71
C PRO B 119 10.41 8.03 -14.99
N PRO B 120 10.35 9.37 -14.98
CA PRO B 120 10.87 10.08 -16.17
C PRO B 120 12.34 9.86 -16.45
N CYS B 121 13.20 9.78 -15.42
CA CYS B 121 14.60 9.47 -15.66
C CYS B 121 14.75 8.08 -16.24
N GLY B 122 13.93 7.13 -15.78
CA GLY B 122 13.96 5.80 -16.36
C GLY B 122 13.54 5.78 -17.82
N LYS B 123 12.47 6.52 -18.15
CA LYS B 123 12.00 6.58 -19.53
C LYS B 123 13.02 7.27 -20.44
N VAL B 124 13.65 8.33 -19.96
CA VAL B 124 14.61 9.06 -20.80
C VAL B 124 15.91 8.25 -20.98
N LEU B 125 16.35 7.55 -19.93
CA LEU B 125 17.50 6.65 -20.07
C LEU B 125 17.20 5.51 -21.02
N ARG B 126 15.95 5.03 -21.05
CA ARG B 126 15.62 3.99 -22.01
C ARG B 126 15.58 4.54 -23.43
N LYS B 127 15.08 5.76 -23.62
CA LYS B 127 14.97 6.30 -24.98
C LYS B 127 16.32 6.76 -25.54
N TRP B 128 17.24 7.22 -24.69
CA TRP B 128 18.48 7.80 -25.18
C TRP B 128 19.68 6.85 -25.14
N PHE B 129 19.72 5.92 -24.21
CA PHE B 129 20.86 5.03 -24.02
C PHE B 129 20.51 3.63 -24.52
N GLU B 130 21.36 3.09 -25.38
CA GLU B 130 21.17 1.73 -25.88
C GLU B 130 21.43 0.72 -24.75
N PRO B 131 20.93 -0.51 -24.86
CA PRO B 131 21.16 -1.50 -23.79
C PRO B 131 22.61 -1.88 -23.55
N SER B 132 23.53 -1.59 -24.47
CA SER B 132 24.94 -1.74 -24.18
C SER B 132 25.48 -0.63 -23.27
N GLN B 133 24.71 0.45 -23.10
CA GLN B 133 25.08 1.54 -22.20
C GLN B 133 23.95 1.97 -21.29
N PHE B 134 22.94 1.14 -21.07
CA PHE B 134 21.80 1.57 -20.26
C PHE B 134 22.06 1.36 -18.77
N GLY B 135 22.72 0.25 -18.42
CA GLY B 135 22.87 -0.08 -17.01
C GLY B 135 23.85 0.82 -16.29
N THR B 136 24.95 1.19 -16.94
CA THR B 136 25.95 1.99 -16.24
C THR B 136 25.49 3.43 -16.05
N TRP B 137 24.69 3.96 -16.98
CA TRP B 137 24.19 5.32 -16.79
C TRP B 137 22.95 5.33 -15.90
N TRP B 138 22.20 4.23 -15.87
CA TRP B 138 21.24 4.00 -14.79
C TRP B 138 21.93 4.03 -13.44
N ALA B 139 23.10 3.39 -13.34
CA ALA B 139 23.81 3.32 -12.08
C ALA B 139 24.37 4.66 -11.66
N ILE B 140 24.90 5.44 -12.60
CA ILE B 140 25.42 6.76 -12.28
C ILE B 140 24.28 7.71 -11.89
N LEU B 141 23.15 7.62 -12.57
CA LEU B 141 22.01 8.46 -12.21
C LEU B 141 21.36 8.01 -10.92
N SER B 142 21.53 6.75 -10.54
CA SER B 142 21.02 6.30 -9.24
C SER B 142 22.00 6.59 -8.11
N THR B 143 23.29 6.76 -8.42
CA THR B 143 24.22 7.21 -7.40
C THR B 143 24.33 8.72 -7.35
N SER B 144 23.58 9.43 -8.21
CA SER B 144 23.24 10.82 -7.92
C SER B 144 22.53 10.95 -6.58
N MET B 145 21.68 9.96 -6.25
CA MET B 145 21.08 9.88 -4.92
C MET B 145 22.13 9.75 -3.83
N ASN B 146 23.17 8.96 -4.07
CA ASN B 146 24.24 8.81 -3.08
C ASN B 146 25.05 10.08 -2.93
N LEU B 147 25.27 10.80 -4.04
CA LEU B 147 25.96 12.08 -3.98
C LEU B 147 25.12 13.11 -3.23
N ALA B 148 23.80 13.08 -3.42
CA ALA B 148 22.92 13.99 -2.70
C ALA B 148 22.89 13.68 -1.21
N GLY B 149 22.87 12.39 -0.86
CA GLY B 149 22.92 12.01 0.54
C GLY B 149 24.27 12.25 1.18
N GLY B 150 25.33 12.30 0.38
CA GLY B 150 26.64 12.61 0.93
C GLY B 150 26.86 14.10 1.12
N LEU B 151 26.39 14.91 0.17
CA LEU B 151 26.49 16.36 0.28
C LEU B 151 25.32 16.99 1.00
N GLY B 152 24.38 16.19 1.50
CA GLY B 152 23.27 16.69 2.26
C GLY B 152 23.62 17.25 3.63
N PRO B 153 24.15 16.42 4.53
CA PRO B 153 24.50 16.94 5.86
C PRO B 153 25.64 17.95 5.84
N ILE B 154 26.55 17.87 4.86
CA ILE B 154 27.64 18.82 4.78
C ILE B 154 27.13 20.21 4.40
N LEU B 155 26.33 20.29 3.35
CA LEU B 155 25.74 21.57 2.96
C LEU B 155 24.71 22.03 3.98
N ALA B 156 24.07 21.10 4.68
CA ALA B 156 23.14 21.48 5.74
C ALA B 156 23.87 22.11 6.91
N THR B 157 25.05 21.58 7.26
CA THR B 157 25.86 22.16 8.32
C THR B 157 26.42 23.52 7.91
N ILE B 158 26.82 23.65 6.63
CA ILE B 158 27.34 24.92 6.14
C ILE B 158 26.24 25.99 6.12
N LEU B 159 25.05 25.63 5.63
CA LEU B 159 23.97 26.60 5.56
C LEU B 159 23.35 26.87 6.92
N ALA B 160 23.50 25.95 7.89
CA ALA B 160 23.07 26.26 9.24
C ALA B 160 24.09 27.12 9.97
N GLN B 161 25.37 27.01 9.62
CA GLN B 161 26.38 27.89 10.17
C GLN B 161 26.26 29.29 9.61
N SER B 162 25.98 29.42 8.32
CA SER B 162 25.93 30.72 7.67
C SER B 162 24.55 31.37 7.77
N TYR B 163 23.51 30.64 7.41
CA TYR B 163 22.15 31.17 7.31
C TYR B 163 21.27 30.51 8.36
N SER B 164 19.99 30.87 8.33
CA SER B 164 18.99 30.20 9.16
C SER B 164 18.50 28.94 8.45
N TRP B 165 17.59 28.22 9.10
CA TRP B 165 17.02 27.04 8.45
C TRP B 165 15.86 27.42 7.54
N ARG B 166 15.15 28.49 7.88
CA ARG B 166 14.12 29.08 7.02
C ARG B 166 14.70 29.43 5.67
N SER B 167 15.78 30.22 5.67
CA SER B 167 16.40 30.61 4.41
C SER B 167 17.13 29.45 3.75
N THR B 168 17.54 28.43 4.51
CA THR B 168 18.13 27.24 3.92
C THR B 168 17.12 26.48 3.07
N LEU B 169 15.92 26.24 3.60
CA LEU B 169 14.91 25.54 2.79
C LEU B 169 14.32 26.46 1.73
N ALA B 170 14.33 27.78 1.97
CA ALA B 170 13.87 28.69 0.93
C ALA B 170 14.84 28.73 -0.25
N LEU B 171 16.15 28.72 0.01
CA LEU B 171 17.11 28.67 -1.08
C LEU B 171 17.14 27.30 -1.74
N SER B 172 16.88 26.24 -0.98
CA SER B 172 16.76 24.90 -1.59
C SER B 172 15.55 24.83 -2.52
N GLY B 173 14.41 25.40 -2.10
CA GLY B 173 13.24 25.41 -2.95
C GLY B 173 13.40 26.31 -4.15
N ALA B 174 14.07 27.45 -3.99
CA ALA B 174 14.32 28.34 -5.12
C ALA B 174 15.29 27.71 -6.12
N LEU B 175 16.30 27.00 -5.62
CA LEU B 175 17.20 26.28 -6.50
C LEU B 175 16.49 25.16 -7.24
N CYS B 176 15.55 24.48 -6.59
CA CYS B 176 14.81 23.44 -7.28
C CYS B 176 13.82 24.00 -8.28
N VAL B 177 13.30 25.21 -8.05
CA VAL B 177 12.46 25.86 -9.06
C VAL B 177 13.30 26.22 -10.29
N VAL B 178 14.47 26.83 -10.08
CA VAL B 178 15.32 27.25 -11.19
C VAL B 178 15.83 26.04 -11.96
N VAL B 179 16.22 24.98 -11.25
CA VAL B 179 16.69 23.76 -11.91
C VAL B 179 15.52 22.97 -12.51
N SER B 180 14.29 23.15 -12.02
CA SER B 180 13.16 22.54 -12.71
C SER B 180 12.90 23.20 -14.06
N PHE B 181 13.04 24.52 -14.13
CA PHE B 181 12.92 25.16 -15.44
C PHE B 181 14.11 24.85 -16.34
N LEU B 182 15.30 24.67 -15.75
CA LEU B 182 16.45 24.26 -16.56
C LEU B 182 16.32 22.82 -17.05
N CYS B 183 15.75 21.92 -16.26
CA CYS B 183 15.50 20.56 -16.73
C CYS B 183 14.32 20.51 -17.68
N LEU B 184 13.46 21.52 -17.67
CA LEU B 184 12.46 21.63 -18.72
C LEU B 184 13.09 22.13 -20.02
N LEU B 185 14.14 22.95 -19.92
CA LEU B 185 14.75 23.48 -21.12
C LEU B 185 15.76 22.51 -21.72
N LEU B 186 16.41 21.67 -20.89
CA LEU B 186 17.53 20.88 -21.35
C LEU B 186 17.19 19.44 -21.72
N ILE B 187 16.36 18.77 -20.93
CA ILE B 187 16.02 17.37 -21.17
C ILE B 187 15.17 17.26 -22.43
N HIS B 188 15.41 16.23 -23.23
CA HIS B 188 14.52 15.89 -24.32
C HIS B 188 14.08 14.44 -24.13
N ASN B 189 12.84 14.15 -24.55
CA ASN B 189 12.23 12.87 -24.22
C ASN B 189 12.83 11.74 -25.04
N GLU B 190 12.91 11.92 -26.35
CA GLU B 190 13.41 10.91 -27.27
C GLU B 190 14.26 11.60 -28.34
N PRO B 191 15.13 10.85 -29.02
CA PRO B 191 15.89 11.47 -30.12
C PRO B 191 15.04 11.88 -31.32
N ALA B 192 13.80 11.40 -31.42
CA ALA B 192 12.91 11.85 -32.48
C ALA B 192 12.38 13.26 -32.23
N ASP B 193 12.43 13.75 -30.99
CA ASP B 193 12.01 15.10 -30.70
C ASP B 193 12.97 16.16 -31.23
N VAL B 194 14.21 15.77 -31.57
CA VAL B 194 15.17 16.69 -32.17
C VAL B 194 15.34 16.47 -33.66
N GLY B 195 15.32 15.22 -34.11
CA GLY B 195 15.63 14.89 -35.49
C GLY B 195 16.66 13.81 -35.65
N LEU B 196 16.99 13.10 -34.59
CA LEU B 196 17.97 12.03 -34.61
C LEU B 196 17.29 10.68 -34.85
N ARG B 197 18.11 9.65 -34.99
CA ARG B 197 17.60 8.29 -35.15
C ARG B 197 17.07 7.82 -33.81
N ASN B 198 15.75 7.67 -33.70
CA ASN B 198 15.15 7.15 -32.48
C ASN B 198 15.41 5.64 -32.41
N LEU B 199 15.94 5.19 -31.29
CA LEU B 199 16.27 3.77 -31.15
C LEU B 199 15.13 3.00 -30.50
N SER B 215 2.73 -3.56 -27.28
CA SER B 215 2.16 -4.58 -26.41
C SER B 215 1.16 -3.97 -25.44
N THR B 216 0.25 -4.81 -24.94
CA THR B 216 -0.80 -4.36 -24.03
C THR B 216 -0.35 -4.53 -22.58
N LEU B 217 -1.01 -3.77 -21.70
CA LEU B 217 -0.66 -3.83 -20.27
C LEU B 217 -1.12 -5.14 -19.65
N GLN B 218 -2.14 -5.78 -20.20
CA GLN B 218 -2.52 -7.11 -19.76
C GLN B 218 -1.45 -8.12 -20.14
N GLU B 219 -0.78 -7.91 -21.27
CA GLU B 219 0.33 -8.77 -21.66
C GLU B 219 1.54 -8.57 -20.73
N LEU B 220 1.70 -7.35 -20.21
CA LEU B 220 2.75 -7.11 -19.23
C LEU B 220 2.42 -7.78 -17.90
N LEU B 221 1.17 -7.64 -17.44
CA LEU B 221 0.79 -8.22 -16.16
C LEU B 221 0.77 -9.74 -16.21
N LEU B 222 0.38 -10.32 -17.34
CA LEU B 222 0.32 -11.77 -17.47
C LEU B 222 1.65 -12.39 -17.88
N SER B 223 2.68 -11.58 -18.10
CA SER B 223 4.00 -12.12 -18.39
C SER B 223 4.61 -12.69 -17.11
N PRO B 224 5.11 -13.92 -17.14
CA PRO B 224 5.67 -14.50 -15.91
C PRO B 224 7.02 -13.94 -15.53
N TYR B 225 7.73 -13.33 -16.47
CA TYR B 225 9.07 -12.81 -16.18
C TYR B 225 9.00 -11.58 -15.30
N LEU B 226 7.97 -10.75 -15.49
CA LEU B 226 7.72 -9.62 -14.60
C LEU B 226 7.45 -10.09 -13.18
N TRP B 227 6.70 -11.16 -13.01
CA TRP B 227 6.38 -11.59 -11.66
C TRP B 227 7.53 -12.36 -11.01
N VAL B 228 8.36 -13.03 -11.80
CA VAL B 228 9.50 -13.70 -11.18
C VAL B 228 10.58 -12.67 -10.83
N LEU B 229 10.68 -11.59 -11.62
CA LEU B 229 11.54 -10.46 -11.29
C LEU B 229 11.00 -9.71 -10.08
N SER B 230 9.68 -9.66 -9.98
CA SER B 230 8.97 -9.07 -8.85
C SER B 230 9.27 -9.80 -7.54
N THR B 231 9.18 -11.13 -7.55
CA THR B 231 9.48 -11.90 -6.35
C THR B 231 10.96 -11.86 -6.01
N GLY B 232 11.83 -11.80 -7.03
CA GLY B 232 13.24 -11.62 -6.76
C GLY B 232 13.55 -10.29 -6.12
N TYR B 233 12.88 -9.23 -6.56
CA TYR B 233 13.11 -7.92 -5.96
C TYR B 233 12.49 -7.85 -4.57
N LEU B 234 11.38 -8.57 -4.35
CA LEU B 234 10.83 -8.74 -3.02
C LEU B 234 11.85 -9.33 -2.06
N VAL B 235 12.48 -10.44 -2.46
CA VAL B 235 13.45 -11.12 -1.61
C VAL B 235 14.69 -10.26 -1.37
N VAL B 236 15.23 -9.67 -2.45
CA VAL B 236 16.49 -8.94 -2.33
C VAL B 236 16.31 -7.64 -1.56
N PHE B 237 15.21 -6.92 -1.80
CA PHE B 237 14.99 -5.70 -1.05
C PHE B 237 14.59 -5.99 0.39
N GLY B 238 13.95 -7.14 0.65
CA GLY B 238 13.70 -7.54 2.02
C GLY B 238 14.98 -7.86 2.77
N VAL B 239 15.91 -8.54 2.10
CA VAL B 239 17.21 -8.85 2.71
C VAL B 239 18.01 -7.57 2.95
N LYS B 240 17.98 -6.65 1.98
CA LYS B 240 18.58 -5.32 2.15
C LYS B 240 18.00 -4.59 3.36
N THR B 241 16.68 -4.54 3.44
CA THR B 241 16.03 -3.80 4.52
C THR B 241 16.28 -4.44 5.87
N CYS B 242 16.29 -5.78 5.93
CA CYS B 242 16.66 -6.51 7.14
C CYS B 242 18.04 -6.15 7.63
N CYS B 243 19.06 -6.31 6.77
CA CYS B 243 20.42 -6.10 7.24
C CYS B 243 20.71 -4.61 7.45
N THR B 244 20.18 -3.75 6.59
CA THR B 244 20.44 -2.32 6.71
C THR B 244 19.72 -1.71 7.91
N ASP B 245 18.60 -2.28 8.34
CA ASP B 245 17.94 -1.76 9.52
C ASP B 245 18.35 -2.47 10.81
N TRP B 246 18.89 -3.69 10.74
CA TRP B 246 19.09 -4.45 11.95
C TRP B 246 20.50 -5.02 12.08
N GLY B 247 21.47 -4.57 11.28
CA GLY B 247 22.83 -5.06 11.44
C GLY B 247 23.50 -4.49 12.67
N GLN B 248 23.28 -3.21 12.96
CA GLN B 248 23.77 -2.62 14.20
C GLN B 248 23.15 -3.30 15.41
N PHE B 249 21.86 -3.62 15.34
CA PHE B 249 21.21 -4.31 16.45
C PHE B 249 21.69 -5.75 16.56
N PHE B 250 22.10 -6.36 15.46
CA PHE B 250 22.64 -7.71 15.49
C PHE B 250 24.06 -7.73 16.03
N LEU B 251 24.78 -6.61 15.91
CA LEU B 251 26.14 -6.56 16.41
C LEU B 251 26.25 -6.04 17.85
N ILE B 252 25.32 -5.18 18.28
CA ILE B 252 25.36 -4.69 19.65
C ILE B 252 24.88 -5.76 20.62
N GLN B 253 23.69 -6.30 20.37
CA GLN B 253 22.98 -7.03 21.41
C GLN B 253 23.44 -8.47 21.52
N GLU B 254 23.77 -9.10 20.40
CA GLU B 254 24.12 -10.52 20.46
C GLU B 254 25.64 -10.73 20.46
N LYS B 255 26.34 -10.17 19.49
CA LYS B 255 27.73 -10.55 19.25
C LYS B 255 28.75 -9.66 19.94
N GLY B 256 28.30 -8.75 20.81
CA GLY B 256 29.22 -8.01 21.67
C GLY B 256 30.10 -7.00 20.97
N GLN B 257 29.76 -6.62 19.74
CA GLN B 257 30.51 -5.59 19.05
C GLN B 257 30.12 -4.22 19.57
N SER B 258 31.04 -3.27 19.46
CA SER B 258 30.79 -1.93 19.98
C SER B 258 29.89 -1.15 19.02
N ALA B 259 29.48 0.04 19.46
CA ALA B 259 28.66 0.90 18.61
C ALA B 259 29.47 1.48 17.46
N LEU B 260 30.78 1.64 17.66
CA LEU B 260 31.66 2.04 16.58
C LEU B 260 31.72 0.95 15.50
N VAL B 261 31.69 -0.32 15.91
CA VAL B 261 31.72 -1.42 14.94
C VAL B 261 30.42 -1.48 14.15
N GLY B 262 29.29 -1.24 14.80
CA GLY B 262 28.02 -1.23 14.08
C GLY B 262 27.88 -0.04 13.14
N SER B 263 28.30 1.14 13.60
CA SER B 263 28.24 2.33 12.74
C SER B 263 29.20 2.21 11.57
N SER B 264 30.39 1.68 11.81
CA SER B 264 31.34 1.47 10.72
C SER B 264 30.91 0.35 9.80
N TYR B 265 30.15 -0.62 10.33
CA TYR B 265 29.54 -1.67 9.50
C TYR B 265 28.52 -1.08 8.54
N MET B 266 27.67 -0.17 9.03
CA MET B 266 26.71 0.48 8.15
C MET B 266 27.39 1.38 7.13
N SER B 267 28.47 2.06 7.54
CA SER B 267 29.19 2.93 6.60
C SER B 267 29.89 2.10 5.53
N ALA B 268 30.48 0.97 5.91
CA ALA B 268 31.13 0.10 4.94
C ALA B 268 30.10 -0.59 4.05
N LEU B 269 28.92 -0.87 4.58
CA LEU B 269 27.86 -1.44 3.75
C LEU B 269 27.34 -0.43 2.75
N GLU B 270 27.29 0.85 3.12
CA GLU B 270 26.85 1.86 2.16
C GLU B 270 27.91 2.17 1.12
N VAL B 271 29.19 2.14 1.51
CA VAL B 271 30.28 2.29 0.54
C VAL B 271 30.31 1.11 -0.42
N GLY B 272 30.16 -0.11 0.12
CA GLY B 272 30.02 -1.27 -0.72
C GLY B 272 28.78 -1.24 -1.59
N GLY B 273 27.74 -0.57 -1.14
CA GLY B 273 26.55 -0.39 -1.97
C GLY B 273 26.71 0.58 -3.11
N LEU B 274 27.44 1.67 -2.87
CA LEU B 274 27.85 2.57 -3.94
C LEU B 274 28.65 1.84 -5.01
N VAL B 275 29.67 1.08 -4.56
CA VAL B 275 30.48 0.28 -5.48
C VAL B 275 29.64 -0.81 -6.14
N GLY B 276 28.64 -1.32 -5.41
CA GLY B 276 27.79 -2.38 -5.95
C GLY B 276 26.87 -1.89 -7.04
N SER B 277 26.27 -0.71 -6.86
CA SER B 277 25.43 -0.13 -7.90
C SER B 277 26.25 0.21 -9.15
N ILE B 278 27.40 0.87 -8.96
CA ILE B 278 28.22 1.28 -10.11
C ILE B 278 28.77 0.07 -10.85
N ALA B 279 29.33 -0.90 -10.11
CA ALA B 279 29.91 -2.08 -10.74
C ALA B 279 28.83 -3.00 -11.29
N ALA B 280 27.63 -3.01 -10.71
CA ALA B 280 26.53 -3.80 -11.25
C ALA B 280 26.10 -3.26 -12.60
N GLY B 281 25.94 -1.93 -12.70
CA GLY B 281 25.59 -1.32 -13.98
C GLY B 281 26.66 -1.53 -15.04
N TYR B 282 27.93 -1.32 -14.66
CA TYR B 282 29.00 -1.41 -15.66
C TYR B 282 29.24 -2.85 -16.10
N LEU B 283 29.30 -3.80 -15.16
CA LEU B 283 29.54 -5.19 -15.55
C LEU B 283 28.33 -5.79 -16.24
N SER B 284 27.13 -5.30 -15.92
CA SER B 284 25.93 -5.73 -16.64
C SER B 284 25.95 -5.24 -18.07
N ASP B 285 26.40 -4.00 -18.30
CA ASP B 285 26.50 -3.53 -19.67
C ASP B 285 27.64 -4.21 -20.43
N ARG B 286 28.70 -4.60 -19.72
CA ARG B 286 29.75 -5.38 -20.36
C ARG B 286 29.22 -6.76 -20.75
N ALA B 287 28.35 -7.34 -19.92
CA ALA B 287 27.73 -8.62 -20.26
C ALA B 287 26.74 -8.48 -21.41
N MET B 288 26.04 -7.36 -21.50
CA MET B 288 25.17 -7.10 -22.66
C MET B 288 25.99 -6.89 -23.92
N ALA B 289 27.16 -6.27 -23.81
CA ALA B 289 27.98 -6.02 -24.98
C ALA B 289 28.67 -7.28 -25.48
N LYS B 290 29.10 -8.17 -24.57
CA LYS B 290 29.77 -9.39 -25.00
C LYS B 290 28.79 -10.40 -25.58
N ALA B 291 27.50 -10.26 -25.30
CA ALA B 291 26.50 -11.18 -25.85
C ALA B 291 25.80 -10.54 -27.04
N TYR B 296 20.46 -16.96 -25.39
CA TYR B 296 20.69 -17.75 -24.19
C TYR B 296 20.29 -16.97 -22.95
N GLY B 297 19.06 -16.48 -22.95
CA GLY B 297 18.55 -15.74 -21.82
C GLY B 297 19.00 -14.29 -21.83
N ASN B 298 18.52 -13.56 -20.83
CA ASN B 298 18.91 -12.17 -20.65
C ASN B 298 20.36 -12.13 -20.16
N PRO B 299 21.25 -11.39 -20.82
CA PRO B 299 22.65 -11.33 -20.39
C PRO B 299 22.87 -10.57 -19.09
N ARG B 300 21.85 -9.92 -18.53
CA ARG B 300 21.97 -9.25 -17.25
C ARG B 300 21.68 -10.17 -16.08
N HIS B 301 21.69 -11.48 -16.28
CA HIS B 301 21.42 -12.42 -15.21
C HIS B 301 22.67 -13.04 -14.64
N GLY B 302 23.73 -13.15 -15.46
CA GLY B 302 24.94 -13.81 -15.00
C GLY B 302 25.65 -13.06 -13.90
N LEU B 303 25.46 -11.74 -13.87
CA LEU B 303 25.95 -10.95 -12.74
C LEU B 303 24.94 -10.93 -11.61
N LEU B 304 23.65 -10.87 -11.97
CA LEU B 304 22.57 -10.73 -11.01
C LEU B 304 22.49 -11.92 -10.06
N LEU B 305 22.51 -13.13 -10.61
CA LEU B 305 22.35 -14.32 -9.77
C LEU B 305 23.64 -14.68 -9.05
N PHE B 306 24.80 -14.46 -9.68
CA PHE B 306 26.07 -14.63 -8.99
C PHE B 306 26.19 -13.66 -7.82
N MET B 307 25.61 -12.48 -7.96
CA MET B 307 25.69 -11.48 -6.92
C MET B 307 24.63 -11.67 -5.84
N MET B 308 23.47 -12.26 -6.16
CA MET B 308 22.58 -12.73 -5.09
C MET B 308 23.20 -13.91 -4.34
N ALA B 309 23.94 -14.77 -5.03
CA ALA B 309 24.66 -15.84 -4.35
C ALA B 309 25.76 -15.30 -3.46
N GLY B 310 26.43 -14.24 -3.90
CA GLY B 310 27.38 -13.55 -3.03
C GLY B 310 26.71 -12.89 -1.84
N MET B 311 25.47 -12.44 -2.00
CA MET B 311 24.70 -11.90 -0.89
C MET B 311 24.39 -12.99 0.13
N THR B 312 24.03 -14.18 -0.35
CA THR B 312 23.76 -15.31 0.56
C THR B 312 25.04 -15.75 1.28
N VAL B 313 26.18 -15.79 0.57
CA VAL B 313 27.46 -16.15 1.19
C VAL B 313 27.87 -15.10 2.21
N SER B 314 27.60 -13.82 1.94
CA SER B 314 27.93 -12.76 2.90
C SER B 314 27.04 -12.84 4.13
N MET B 315 25.76 -13.20 3.96
CA MET B 315 24.89 -13.36 5.12
C MET B 315 25.30 -14.57 5.96
N TYR B 316 25.70 -15.67 5.32
CA TYR B 316 26.16 -16.84 6.06
C TYR B 316 27.44 -16.55 6.83
N LEU B 317 28.39 -15.88 6.17
CA LEU B 317 29.65 -15.56 6.82
C LEU B 317 29.48 -14.49 7.90
N PHE B 318 28.47 -13.64 7.77
CA PHE B 318 28.20 -12.64 8.79
C PHE B 318 27.44 -13.20 9.97
N ARG B 319 26.58 -14.19 9.73
CA ARG B 319 25.84 -14.80 10.83
C ARG B 319 26.69 -15.79 11.60
N VAL B 320 27.54 -16.54 10.92
CA VAL B 320 28.28 -17.62 11.57
C VAL B 320 29.62 -17.14 12.12
N THR B 321 30.46 -16.56 11.27
CA THR B 321 31.86 -16.38 11.62
C THR B 321 32.13 -15.11 12.42
N VAL B 322 31.18 -14.19 12.46
CA VAL B 322 31.36 -13.00 13.28
C VAL B 322 31.10 -13.34 14.74
N THR B 323 32.07 -13.03 15.60
CA THR B 323 31.98 -13.31 17.02
C THR B 323 32.49 -12.05 17.72
N SER B 324 32.53 -12.08 19.06
CA SER B 324 33.10 -10.95 19.81
C SER B 324 34.59 -10.81 19.57
N ASP B 325 35.27 -11.90 19.22
CA ASP B 325 36.69 -11.88 18.94
C ASP B 325 37.00 -11.70 17.46
N SER B 326 36.02 -11.27 16.66
CA SER B 326 36.25 -11.12 15.23
C SER B 326 37.03 -9.84 14.96
N PRO B 327 37.94 -9.84 14.00
CA PRO B 327 38.65 -8.61 13.64
C PRO B 327 37.72 -7.61 12.98
N LYS B 328 38.04 -6.33 13.18
CA LYS B 328 37.24 -5.25 12.61
C LYS B 328 37.35 -5.23 11.09
N LEU B 329 38.52 -5.61 10.56
CA LEU B 329 38.71 -5.65 9.11
C LEU B 329 37.82 -6.69 8.47
N TRP B 330 37.62 -7.83 9.13
CA TRP B 330 36.79 -8.88 8.55
C TRP B 330 35.31 -8.51 8.57
N ILE B 331 34.87 -7.84 9.62
CA ILE B 331 33.46 -7.46 9.66
C ILE B 331 33.18 -6.30 8.71
N LEU B 332 34.17 -5.44 8.46
CA LEU B 332 33.99 -4.43 7.42
C LEU B 332 34.02 -5.04 6.02
N VAL B 333 34.82 -6.09 5.83
CA VAL B 333 34.80 -6.83 4.56
C VAL B 333 33.45 -7.47 4.33
N LEU B 334 32.85 -8.06 5.37
CA LEU B 334 31.52 -8.67 5.20
C LEU B 334 30.45 -7.62 4.96
N GLY B 335 30.59 -6.44 5.58
CA GLY B 335 29.68 -5.36 5.27
C GLY B 335 29.79 -4.87 3.84
N ALA B 336 31.01 -4.72 3.34
CA ALA B 336 31.21 -4.24 1.97
C ALA B 336 30.81 -5.30 0.95
N VAL B 337 31.00 -6.58 1.28
CA VAL B 337 30.61 -7.66 0.38
C VAL B 337 29.09 -7.79 0.33
N PHE B 338 28.41 -7.57 1.46
CA PHE B 338 26.96 -7.55 1.42
C PHE B 338 26.45 -6.31 0.68
N GLY B 339 27.13 -5.17 0.84
CA GLY B 339 26.69 -3.96 0.17
C GLY B 339 26.87 -4.03 -1.33
N PHE B 340 27.99 -4.62 -1.77
CA PHE B 340 28.20 -4.94 -3.18
C PHE B 340 27.16 -5.90 -3.70
N SER B 341 26.64 -6.79 -2.86
CA SER B 341 25.80 -7.88 -3.32
C SER B 341 24.32 -7.70 -3.00
N SER B 342 23.92 -6.57 -2.44
CA SER B 342 22.51 -6.31 -2.18
C SER B 342 22.02 -5.07 -2.93
N TYR B 343 22.79 -3.99 -2.92
CA TYR B 343 22.47 -2.82 -3.73
C TYR B 343 22.63 -3.11 -5.21
N GLY B 344 23.59 -3.96 -5.57
CA GLY B 344 23.82 -4.38 -6.92
C GLY B 344 22.66 -5.08 -7.61
N PRO B 345 22.12 -6.16 -7.01
CA PRO B 345 20.93 -6.79 -7.60
C PRO B 345 19.70 -5.90 -7.59
N ILE B 346 19.60 -4.94 -6.69
CA ILE B 346 18.47 -4.01 -6.74
C ILE B 346 18.62 -3.03 -7.90
N ALA B 347 19.84 -2.56 -8.15
CA ALA B 347 20.10 -1.77 -9.34
C ALA B 347 19.86 -2.58 -10.61
N LEU B 348 20.20 -3.86 -10.59
CA LEU B 348 19.97 -4.70 -11.76
C LEU B 348 18.49 -5.00 -11.96
N PHE B 349 17.74 -5.15 -10.87
CA PHE B 349 16.30 -5.34 -10.99
C PHE B 349 15.63 -4.08 -11.52
N GLY B 350 16.14 -2.91 -11.14
CA GLY B 350 15.65 -1.68 -11.76
C GLY B 350 15.97 -1.59 -13.24
N VAL B 351 17.20 -1.99 -13.62
CA VAL B 351 17.61 -1.97 -15.02
C VAL B 351 16.77 -2.94 -15.85
N ILE B 352 16.59 -4.16 -15.35
CA ILE B 352 15.86 -5.18 -16.08
C ILE B 352 14.37 -4.86 -16.11
N ALA B 353 13.83 -4.28 -15.04
CA ALA B 353 12.42 -3.90 -15.01
C ALA B 353 12.15 -2.75 -15.96
N ASN B 354 13.07 -1.79 -16.08
CA ASN B 354 12.91 -0.76 -17.10
C ASN B 354 13.17 -1.31 -18.50
N GLU B 355 13.94 -2.39 -18.62
CA GLU B 355 14.44 -2.84 -19.91
C GLU B 355 13.64 -3.99 -20.52
N SER B 356 13.24 -4.97 -19.72
CA SER B 356 12.54 -6.13 -20.27
C SER B 356 11.10 -5.81 -20.68
N ALA B 357 10.56 -4.69 -20.25
CA ALA B 357 9.24 -4.26 -20.64
C ALA B 357 9.29 -3.52 -21.98
N PRO B 358 8.18 -3.44 -22.69
CA PRO B 358 8.11 -2.58 -23.88
C PRO B 358 8.26 -1.12 -23.51
N PRO B 359 8.69 -0.26 -24.44
CA PRO B 359 8.95 1.16 -24.08
C PRO B 359 7.72 1.94 -23.69
N ASN B 360 6.52 1.51 -24.09
CA ASN B 360 5.31 2.18 -23.65
C ASN B 360 4.79 1.65 -22.32
N LEU B 361 5.44 0.63 -21.74
CA LEU B 361 4.99 0.02 -20.49
C LEU B 361 6.14 -0.18 -19.52
N CYS B 362 7.25 0.51 -19.71
CA CYS B 362 8.42 0.28 -18.86
C CYS B 362 8.24 0.90 -17.48
N GLY B 363 7.57 2.05 -17.42
CA GLY B 363 7.28 2.65 -16.13
C GLY B 363 6.31 1.83 -15.30
N THR B 364 5.40 1.10 -15.96
CA THR B 364 4.52 0.19 -15.23
C THR B 364 5.31 -0.95 -14.61
N SER B 365 6.28 -1.50 -15.33
CA SER B 365 7.08 -2.61 -14.82
C SER B 365 7.96 -2.16 -13.64
N HIS B 366 8.62 -1.02 -13.79
CA HIS B 366 9.41 -0.49 -12.67
C HIS B 366 8.51 -0.04 -11.52
N ALA B 367 7.26 0.33 -11.80
CA ALA B 367 6.33 0.71 -10.75
C ALA B 367 5.88 -0.50 -9.95
N ILE B 368 5.66 -1.64 -10.61
CA ILE B 368 5.32 -2.87 -9.91
C ILE B 368 6.49 -3.36 -9.08
N VAL B 369 7.71 -3.16 -9.60
CA VAL B 369 8.91 -3.48 -8.82
C VAL B 369 9.03 -2.57 -7.59
N GLY B 370 8.68 -1.29 -7.72
CA GLY B 370 8.67 -0.42 -6.54
C GLY B 370 7.56 -0.76 -5.56
N LEU B 371 6.45 -1.28 -6.07
CA LEU B 371 5.40 -1.80 -5.19
C LEU B 371 5.92 -2.98 -4.37
N MET B 372 6.75 -3.82 -4.99
CA MET B 372 7.37 -4.89 -4.23
C MET B 372 8.48 -4.40 -3.31
N ALA B 373 9.09 -3.24 -3.61
CA ALA B 373 9.95 -2.60 -2.62
C ALA B 373 9.17 -2.25 -1.37
N ASN B 374 7.94 -1.75 -1.53
CA ASN B 374 7.13 -1.41 -0.38
C ASN B 374 6.70 -2.66 0.40
N VAL B 375 6.34 -3.72 -0.33
CA VAL B 375 5.94 -4.98 0.33
C VAL B 375 7.13 -5.60 1.07
N GLY B 376 8.31 -5.59 0.46
CA GLY B 376 9.49 -6.12 1.13
C GLY B 376 9.95 -5.28 2.30
N GLY B 377 9.76 -3.96 2.21
CA GLY B 377 10.08 -3.10 3.33
C GLY B 377 9.17 -3.33 4.52
N PHE B 378 7.87 -3.55 4.27
CA PHE B 378 6.97 -3.93 5.35
C PHE B 378 7.34 -5.28 5.93
N LEU B 379 7.58 -6.27 5.07
CA LEU B 379 7.86 -7.63 5.52
C LEU B 379 9.20 -7.74 6.24
N ALA B 380 10.11 -6.81 5.97
CA ALA B 380 11.43 -6.82 6.59
C ALA B 380 11.58 -5.88 7.77
N GLY B 381 10.71 -4.88 7.92
CA GLY B 381 10.86 -4.01 9.06
C GLY B 381 10.38 -4.61 10.37
N LEU B 382 9.07 -4.77 10.52
CA LEU B 382 8.46 -5.19 11.79
C LEU B 382 8.37 -6.70 12.05
N PRO B 383 8.01 -7.57 11.08
CA PRO B 383 8.05 -9.02 11.38
C PRO B 383 9.44 -9.55 11.66
N PHE B 384 10.47 -8.98 11.05
CA PHE B 384 11.84 -9.38 11.36
C PHE B 384 12.20 -8.98 12.78
N SER B 385 11.71 -7.84 13.24
CA SER B 385 11.88 -7.44 14.64
C SER B 385 11.15 -8.38 15.58
N THR B 386 10.02 -8.94 15.15
CA THR B 386 9.27 -9.86 16.00
C THR B 386 9.95 -11.22 16.11
N ILE B 387 10.44 -11.73 14.98
CA ILE B 387 11.24 -12.97 14.98
C ILE B 387 12.52 -12.77 15.78
N ALA B 388 13.07 -11.56 15.73
CA ALA B 388 14.27 -11.24 16.50
C ALA B 388 13.96 -11.14 17.99
N LYS B 389 12.77 -10.65 18.34
CA LYS B 389 12.43 -10.46 19.73
C LYS B 389 12.07 -11.78 20.41
N HIS B 390 11.37 -12.67 19.69
CA HIS B 390 10.88 -13.86 20.36
C HIS B 390 11.87 -15.02 20.30
N TYR B 391 12.57 -15.19 19.17
CA TYR B 391 13.48 -16.32 19.09
C TYR B 391 14.90 -15.94 19.48
N SER B 392 15.54 -15.10 18.67
CA SER B 392 16.92 -14.64 18.79
C SER B 392 17.17 -13.72 17.61
N TRP B 393 18.28 -12.97 17.66
CA TRP B 393 18.70 -12.21 16.50
C TRP B 393 19.31 -13.11 15.43
N SER B 394 20.09 -14.11 15.86
CA SER B 394 20.71 -15.03 14.93
C SER B 394 19.65 -15.90 14.24
N THR B 395 18.59 -16.26 14.97
CA THR B 395 17.49 -17.01 14.36
C THR B 395 16.74 -16.15 13.34
N ALA B 396 16.63 -14.84 13.61
CA ALA B 396 15.95 -13.95 12.67
C ALA B 396 16.74 -13.79 11.37
N PHE B 397 18.05 -13.48 11.50
CA PHE B 397 18.88 -13.42 10.29
C PHE B 397 19.06 -14.78 9.63
N TRP B 398 18.88 -15.87 10.38
CA TRP B 398 18.84 -17.19 9.76
C TRP B 398 17.57 -17.37 8.94
N VAL B 399 16.44 -16.82 9.40
CA VAL B 399 15.21 -16.89 8.61
C VAL B 399 15.35 -16.07 7.33
N ALA B 400 15.94 -14.88 7.44
CA ALA B 400 16.20 -14.05 6.26
C ALA B 400 17.21 -14.72 5.31
N GLU B 401 18.17 -15.45 5.88
CA GLU B 401 19.14 -16.19 5.08
C GLU B 401 18.51 -17.39 4.38
N VAL B 402 17.57 -18.06 5.06
CA VAL B 402 16.84 -19.17 4.44
C VAL B 402 15.99 -18.67 3.29
N ILE B 403 15.33 -17.53 3.47
CA ILE B 403 14.54 -16.94 2.39
C ILE B 403 15.43 -16.54 1.22
N CYS B 404 16.58 -15.92 1.51
CA CYS B 404 17.50 -15.50 0.46
C CYS B 404 18.14 -16.69 -0.26
N ALA B 405 18.55 -17.71 0.49
CA ALA B 405 19.20 -18.87 -0.12
C ALA B 405 18.22 -19.72 -0.90
N ALA B 406 17.01 -19.89 -0.38
CA ALA B 406 15.97 -20.63 -1.10
C ALA B 406 15.57 -19.92 -2.38
N SER B 407 15.42 -18.59 -2.32
CA SER B 407 15.07 -17.83 -3.51
C SER B 407 16.20 -17.83 -4.53
N THR B 408 17.44 -17.65 -4.08
CA THR B 408 18.60 -17.64 -4.98
C THR B 408 18.82 -18.98 -5.64
N ALA B 409 18.71 -20.08 -4.87
CA ALA B 409 18.80 -21.41 -5.46
C ALA B 409 17.64 -21.69 -6.40
N ALA B 410 16.47 -21.12 -6.10
CA ALA B 410 15.34 -21.26 -7.02
C ALA B 410 15.59 -20.51 -8.33
N PHE B 411 16.28 -19.38 -8.27
CA PHE B 411 16.58 -18.66 -9.50
C PHE B 411 17.68 -19.34 -10.30
N PHE B 412 18.66 -19.95 -9.61
CA PHE B 412 19.64 -20.76 -10.34
C PHE B 412 18.98 -21.95 -11.02
N LEU B 413 18.00 -22.58 -10.34
CA LEU B 413 17.24 -23.65 -10.98
C LEU B 413 16.39 -23.13 -12.14
N LEU B 414 15.88 -21.90 -12.03
CA LEU B 414 15.10 -21.34 -13.13
C LEU B 414 15.96 -21.02 -14.34
N ARG B 415 17.15 -20.45 -14.15
CA ARG B 415 17.98 -20.20 -15.33
C ARG B 415 18.56 -21.49 -15.90
N ALA B 416 18.79 -22.51 -15.06
CA ALA B 416 19.22 -23.80 -15.58
C ALA B 416 18.09 -24.48 -16.35
N GLU B 417 16.86 -24.34 -15.87
CA GLU B 417 15.72 -24.91 -16.59
C GLU B 417 15.47 -24.17 -17.89
N GLU B 418 15.67 -22.85 -17.92
CA GLU B 418 15.52 -22.10 -19.16
C GLU B 418 16.63 -22.43 -20.16
N GLU B 419 17.84 -22.69 -19.67
CA GLU B 419 18.90 -23.14 -20.57
C GLU B 419 18.61 -24.53 -21.12
N LYS B 420 17.98 -25.40 -20.31
CA LYS B 420 17.56 -26.71 -20.82
C LYS B 420 16.44 -26.57 -21.85
N ARG B 421 15.51 -25.63 -21.63
CA ARG B 421 14.45 -25.40 -22.62
C ARG B 421 15.01 -24.85 -23.92
N LYS B 422 15.98 -23.94 -23.84
CA LYS B 422 16.56 -23.36 -25.05
C LYS B 422 17.48 -24.35 -25.75
N ALA B 423 17.98 -25.34 -25.01
CA ALA B 423 18.66 -26.46 -25.66
C ALA B 423 17.66 -27.39 -26.33
N GLU B 424 16.47 -27.55 -25.74
CA GLU B 424 15.45 -28.40 -26.36
C GLU B 424 14.83 -27.72 -27.58
N GLU B 425 14.92 -26.39 -27.67
CA GLU B 425 14.44 -25.70 -28.86
C GLU B 425 15.33 -26.00 -30.05
N GLU B 426 16.65 -25.90 -29.87
CA GLU B 426 17.59 -26.25 -30.92
C GLU B 426 18.37 -27.51 -30.56
#